data_8R2T
#
_entry.id   8R2T
#
_cell.length_a   112.216
_cell.length_b   64.789
_cell.length_c   160.100
_cell.angle_alpha   90.000
_cell.angle_beta   93.896
_cell.angle_gamma   90.000
#
_symmetry.space_group_name_H-M   'C 1 2 1'
#
loop_
_entity.id
_entity.type
_entity.pdbx_description
1 polymer 'FAD-binding domain-containing protein'
2 non-polymer 'FLAVIN-ADENINE DINUCLEOTIDE'
3 non-polymer 'CHLORIDE ION'
4 water water
#
_entity_poly.entity_id   1
_entity_poly.type   'polypeptide(L)'
_entity_poly.pdbx_seq_one_letter_code
;MSAATSSTMENHTGTAPKATLKLHILIVGCGMGGLAAAYCLGRVGHKVTVLEQATTIGEVGAGIQISPNVSRLLDRWGVG
EAVRKVAIRPEGMVFRRYTSGEVVGYARLAERMEAFGAPYYHIHRADLFNILYSLAAPYMTLRLGATVVSVDTETPSAIL
ATGEVVHGDLIIGADGVKSFIQRVVLGKPSSAEPTGDAVYRAIIPTALMRADPELRPFVDTPEMTGWMGPQRHIMAYNIR
AEEYNIVLAHPDDGSVESWTAEGSADKMRSDFADFEPRVQKLLSFVKSTLKWRLMDRQPLETWVHPAGRVTLLGDACHAM
LPYRAQGAAMAIEDAAVLGVLFAHISDIAQLKPLLYAYEELRLPRTARTQGDARSNQKTFHLPDGPSQQARDDNMRKAAQ
VVWREMAQARGEVPEGEEADGSALQGNSNQWADHQKNQEQFGYDAEAAAEQWWRDVGESRIGSYASVPAAENLYFQGHHH
HHH
;
_entity_poly.pdbx_strand_id   A,B
#
# COMPACT_ATOMS: atom_id res chain seq x y z
N PRO A 17 22.40 33.45 6.18
CA PRO A 17 22.45 33.13 4.73
C PRO A 17 22.02 34.29 3.82
N LYS A 18 22.89 35.31 3.70
CA LYS A 18 22.65 36.43 2.79
C LYS A 18 23.73 36.50 1.70
N ALA A 19 23.34 37.04 0.54
CA ALA A 19 24.26 37.29 -0.54
C ALA A 19 25.08 38.54 -0.23
N THR A 20 26.38 38.49 -0.52
CA THR A 20 27.27 39.65 -0.47
C THR A 20 26.87 40.68 -1.52
N LEU A 21 26.64 40.19 -2.75
CA LEU A 21 26.15 41.06 -3.80
C LEU A 21 24.63 40.90 -3.97
N LYS A 22 23.91 42.00 -3.73
CA LYS A 22 22.48 42.08 -3.86
C LYS A 22 22.12 42.46 -5.30
N LEU A 23 21.37 41.60 -5.96
CA LEU A 23 20.90 41.82 -7.32
C LEU A 23 19.52 42.44 -7.29
N HIS A 24 19.20 43.18 -8.37
CA HIS A 24 17.81 43.46 -8.73
C HIS A 24 17.39 42.39 -9.72
N ILE A 25 16.39 41.58 -9.33
CA ILE A 25 15.99 40.44 -10.12
C ILE A 25 14.59 40.68 -10.64
N LEU A 26 14.46 40.62 -11.97
CA LEU A 26 13.17 40.76 -12.62
C LEU A 26 12.61 39.38 -12.89
N ILE A 27 11.42 39.10 -12.32
CA ILE A 27 10.71 37.86 -12.55
C ILE A 27 9.48 38.18 -13.39
N VAL A 28 9.40 37.53 -14.55
CA VAL A 28 8.28 37.69 -15.46
C VAL A 28 7.32 36.55 -15.16
N GLY A 29 6.13 36.91 -14.65
CA GLY A 29 5.10 35.94 -14.35
C GLY A 29 4.89 35.80 -12.85
N CYS A 30 3.62 35.96 -12.44
CA CYS A 30 3.21 35.78 -11.06
C CYS A 30 2.20 34.64 -10.92
N GLY A 31 2.60 33.48 -11.46
CA GLY A 31 2.05 32.20 -11.07
C GLY A 31 2.81 31.67 -9.84
N MET A 32 2.65 30.38 -9.57
CA MET A 32 3.24 29.79 -8.38
C MET A 32 4.77 29.75 -8.49
N GLY A 33 5.30 29.53 -9.70
CA GLY A 33 6.75 29.57 -9.95
C GLY A 33 7.34 30.92 -9.56
N GLY A 34 6.76 31.98 -10.12
CA GLY A 34 7.13 33.35 -9.83
C GLY A 34 7.10 33.64 -8.35
N LEU A 35 5.98 33.31 -7.65
CA LEU A 35 5.84 33.58 -6.23
C LEU A 35 6.97 32.92 -5.46
N ALA A 36 7.21 31.62 -5.74
CA ALA A 36 8.19 30.86 -4.99
C ALA A 36 9.59 31.44 -5.25
N ALA A 37 9.89 31.80 -6.53
CA ALA A 37 11.16 32.39 -6.83
C ALA A 37 11.29 33.72 -6.09
N ALA A 38 10.21 34.52 -6.01
CA ALA A 38 10.33 35.82 -5.35
C ALA A 38 10.65 35.65 -3.87
N TYR A 39 9.98 34.71 -3.21
CA TYR A 39 10.27 34.39 -1.83
C TYR A 39 11.71 33.88 -1.68
N CYS A 40 12.08 32.84 -2.45
CA CYS A 40 13.37 32.17 -2.27
C CYS A 40 14.56 33.11 -2.53
N LEU A 41 14.43 33.98 -3.53
CA LEU A 41 15.49 34.91 -3.86
C LEU A 41 15.46 36.16 -2.97
N GLY A 42 14.27 36.64 -2.63
CA GLY A 42 14.17 37.80 -1.76
C GLY A 42 14.75 37.57 -0.37
N ARG A 43 14.49 36.37 0.18
CA ARG A 43 14.85 36.11 1.56
C ARG A 43 16.36 36.01 1.71
N VAL A 44 17.12 35.92 0.61
CA VAL A 44 18.57 35.82 0.70
C VAL A 44 19.21 37.16 0.32
N GLY A 45 18.41 38.24 0.21
CA GLY A 45 18.89 39.61 0.15
C GLY A 45 18.71 40.28 -1.20
N HIS A 46 18.15 39.58 -2.19
CA HIS A 46 17.98 40.17 -3.52
C HIS A 46 16.71 41.00 -3.57
N LYS A 47 16.77 42.06 -4.35
CA LYS A 47 15.61 42.87 -4.65
C LYS A 47 14.86 42.22 -5.79
N VAL A 48 13.53 42.12 -5.66
CA VAL A 48 12.71 41.39 -6.60
C VAL A 48 11.56 42.25 -7.09
N THR A 49 11.42 42.34 -8.42
CA THR A 49 10.25 42.91 -9.05
C THR A 49 9.60 41.84 -9.89
N VAL A 50 8.27 41.66 -9.72
CA VAL A 50 7.54 40.69 -10.53
C VAL A 50 6.66 41.47 -11.50
N LEU A 51 6.83 41.12 -12.80
CA LEU A 51 6.10 41.76 -13.89
C LEU A 51 5.06 40.77 -14.42
N GLU A 52 3.78 41.05 -14.18
CA GLU A 52 2.69 40.16 -14.55
C GLU A 52 1.79 40.91 -15.54
N GLN A 53 1.45 40.24 -16.63
CA GLN A 53 0.68 40.81 -17.73
C GLN A 53 -0.78 41.00 -17.33
N ALA A 54 -1.35 40.05 -16.60
CA ALA A 54 -2.72 40.17 -16.12
C ALA A 54 -2.85 41.30 -15.09
N THR A 55 -4.04 41.88 -15.03
CA THR A 55 -4.33 42.93 -14.06
C THR A 55 -4.87 42.36 -12.75
N THR A 56 -4.93 41.04 -12.61
CA THR A 56 -5.25 40.39 -11.36
C THR A 56 -4.33 39.18 -11.27
N ILE A 57 -4.23 38.65 -10.03
CA ILE A 57 -3.49 37.43 -9.76
C ILE A 57 -4.39 36.43 -9.05
N GLY A 58 -4.01 35.16 -9.16
CA GLY A 58 -4.74 34.09 -8.49
C GLY A 58 -4.70 32.83 -9.36
N GLU A 59 -5.17 31.71 -8.82
CA GLU A 59 -5.20 30.44 -9.52
C GLU A 59 -6.63 30.07 -9.91
N VAL A 60 -6.76 29.13 -10.84
CA VAL A 60 -8.05 28.68 -11.31
C VAL A 60 -8.70 27.76 -10.27
N GLY A 61 -10.02 27.57 -10.44
CA GLY A 61 -10.82 26.75 -9.54
C GLY A 61 -10.57 25.28 -9.80
N ALA A 62 -9.48 24.74 -9.25
CA ALA A 62 -9.17 23.33 -9.43
C ALA A 62 -8.28 22.82 -8.31
N GLY A 63 -8.14 21.49 -8.27
CA GLY A 63 -7.31 20.79 -7.30
C GLY A 63 -5.89 20.66 -7.80
N ILE A 64 -4.95 20.56 -6.88
CA ILE A 64 -3.60 20.16 -7.23
C ILE A 64 -3.10 19.15 -6.19
N GLN A 65 -2.20 18.26 -6.63
CA GLN A 65 -1.52 17.33 -5.74
C GLN A 65 -0.12 17.82 -5.44
N ILE A 66 0.22 17.87 -4.14
CA ILE A 66 1.54 18.30 -3.74
C ILE A 66 2.24 17.19 -2.95
N SER A 67 3.32 16.69 -3.56
CA SER A 67 4.06 15.53 -3.09
C SER A 67 5.07 15.95 -2.03
N PRO A 68 5.72 15.02 -1.32
CA PRO A 68 6.67 15.37 -0.27
C PRO A 68 7.83 16.29 -0.68
N ASN A 69 8.29 16.19 -1.93
CA ASN A 69 9.42 17.01 -2.35
C ASN A 69 9.00 18.47 -2.33
N VAL A 70 7.71 18.75 -2.42
CA VAL A 70 7.21 20.14 -2.37
C VAL A 70 6.86 20.51 -0.92
N SER A 71 6.09 19.64 -0.28
CA SER A 71 5.58 19.94 1.04
C SER A 71 6.71 19.95 2.10
N ARG A 72 7.84 19.25 1.85
CA ARG A 72 9.05 19.39 2.62
C ARG A 72 9.47 20.85 2.65
N LEU A 73 9.40 21.51 1.49
CA LEU A 73 9.83 22.90 1.36
C LEU A 73 8.82 23.86 2.01
N LEU A 74 7.53 23.62 1.79
CA LEU A 74 6.51 24.44 2.43
C LEU A 74 6.63 24.37 3.94
N ASP A 75 6.87 23.18 4.48
CA ASP A 75 7.04 22.98 5.92
C ASP A 75 8.28 23.75 6.37
N ARG A 76 9.37 23.63 5.61
CA ARG A 76 10.62 24.27 6.01
C ARG A 76 10.48 25.79 6.03
N TRP A 77 9.66 26.34 5.13
CA TRP A 77 9.52 27.78 4.92
C TRP A 77 8.48 28.39 5.89
N GLY A 78 7.86 27.51 6.70
CA GLY A 78 7.10 27.93 7.84
C GLY A 78 5.61 28.01 7.55
N VAL A 79 5.11 27.39 6.47
CA VAL A 79 3.68 27.46 6.14
C VAL A 79 3.00 26.10 6.23
N GLY A 80 3.66 25.12 6.84
CA GLY A 80 3.06 23.81 7.02
C GLY A 80 1.69 23.84 7.70
N GLU A 81 1.49 24.67 8.72
CA GLU A 81 0.24 24.76 9.45
C GLU A 81 -0.89 25.26 8.52
N ALA A 82 -0.63 26.29 7.73
CA ALA A 82 -1.62 26.79 6.80
C ALA A 82 -1.99 25.70 5.79
N VAL A 83 -0.99 24.98 5.25
CA VAL A 83 -1.27 23.93 4.30
C VAL A 83 -2.21 22.93 4.97
N ARG A 84 -1.87 22.52 6.18
CA ARG A 84 -2.55 21.47 6.93
C ARG A 84 -4.00 21.87 7.22
N LYS A 85 -4.24 23.15 7.50
CA LYS A 85 -5.58 23.64 7.77
C LYS A 85 -6.53 23.45 6.60
N VAL A 86 -6.06 23.67 5.35
CA VAL A 86 -6.97 23.73 4.22
C VAL A 86 -6.93 22.42 3.43
N ALA A 87 -5.80 21.72 3.43
CA ALA A 87 -5.57 20.61 2.51
C ALA A 87 -6.08 19.30 3.09
N ILE A 88 -6.20 18.30 2.22
CA ILE A 88 -6.65 16.94 2.53
C ILE A 88 -5.46 16.02 2.36
N ARG A 89 -5.35 15.08 3.29
CA ARG A 89 -4.26 14.14 3.31
C ARG A 89 -4.81 12.79 2.85
N PRO A 90 -4.68 12.43 1.56
CA PRO A 90 -5.23 11.16 1.08
C PRO A 90 -4.50 9.97 1.66
N GLU A 91 -5.18 8.83 1.71
CA GLU A 91 -4.63 7.63 2.32
C GLU A 91 -3.89 6.83 1.25
N GLY A 92 -4.41 6.86 0.02
CA GLY A 92 -3.94 5.97 -1.02
C GLY A 92 -4.33 6.51 -2.39
N MET A 93 -3.66 5.96 -3.41
CA MET A 93 -3.94 6.19 -4.81
C MET A 93 -4.50 4.89 -5.39
N VAL A 94 -5.69 4.99 -5.99
CA VAL A 94 -6.44 3.83 -6.41
C VAL A 94 -6.73 3.95 -7.89
N PHE A 95 -6.30 2.93 -8.65
CA PHE A 95 -6.53 2.86 -10.08
C PHE A 95 -7.59 1.82 -10.36
N ARG A 96 -8.52 2.15 -11.27
CA ARG A 96 -9.70 1.34 -11.50
C ARG A 96 -9.99 1.21 -12.98
N ARG A 97 -10.75 0.17 -13.32
CA ARG A 97 -11.11 -0.09 -14.70
C ARG A 97 -12.30 0.79 -15.04
N TYR A 98 -12.27 1.39 -16.24
CA TYR A 98 -13.27 2.36 -16.66
C TYR A 98 -14.70 1.80 -16.63
N THR A 99 -14.94 0.60 -17.15
CA THR A 99 -16.32 0.13 -17.32
C THR A 99 -16.99 -0.22 -15.99
N SER A 100 -16.24 -0.78 -15.02
CA SER A 100 -16.79 -1.38 -13.80
C SER A 100 -16.38 -0.64 -12.52
N GLY A 101 -15.24 0.07 -12.53
CA GLY A 101 -14.71 0.65 -11.30
C GLY A 101 -13.87 -0.35 -10.49
N GLU A 102 -13.66 -1.54 -11.06
CA GLU A 102 -12.87 -2.58 -10.41
C GLU A 102 -11.49 -2.03 -10.07
N VAL A 103 -11.04 -2.19 -8.82
CA VAL A 103 -9.73 -1.69 -8.43
C VAL A 103 -8.69 -2.61 -9.04
N VAL A 104 -7.74 -2.05 -9.79
CA VAL A 104 -6.66 -2.83 -10.39
C VAL A 104 -5.33 -2.41 -9.77
N GLY A 105 -5.24 -1.24 -9.09
CA GLY A 105 -4.00 -0.90 -8.39
C GLY A 105 -4.20 -0.05 -7.16
N TYR A 106 -3.24 -0.16 -6.22
CA TYR A 106 -3.18 0.67 -5.04
C TYR A 106 -1.73 1.08 -4.82
N ALA A 107 -1.51 2.36 -4.51
CA ALA A 107 -0.27 2.81 -3.92
C ALA A 107 -0.58 3.55 -2.62
N ARG A 108 0.03 3.08 -1.54
CA ARG A 108 -0.18 3.70 -0.24
C ARG A 108 0.38 5.12 -0.27
N LEU A 109 -0.40 6.10 0.21
CA LEU A 109 0.11 7.44 0.40
C LEU A 109 0.31 7.59 1.92
N ALA A 110 -0.25 8.63 2.54
CA ALA A 110 -0.28 8.66 4.00
C ALA A 110 1.15 8.48 4.54
N GLU A 111 1.36 7.56 5.50
CA GLU A 111 2.64 7.41 6.16
C GLU A 111 3.74 6.89 5.22
N ARG A 112 3.35 6.20 4.13
CA ARG A 112 4.32 5.75 3.14
C ARG A 112 4.99 6.94 2.47
N MET A 113 4.24 8.03 2.25
CA MET A 113 4.80 9.25 1.69
C MET A 113 5.51 10.08 2.75
N GLU A 114 5.02 10.06 3.99
CA GLU A 114 5.63 10.83 5.07
C GLU A 114 7.02 10.28 5.41
N ALA A 115 7.27 9.02 5.05
CA ALA A 115 8.60 8.46 5.22
C ALA A 115 9.66 9.26 4.45
N PHE A 116 9.29 9.99 3.40
CA PHE A 116 10.22 10.84 2.67
C PHE A 116 10.39 12.19 3.34
N GLY A 117 9.75 12.46 4.48
CA GLY A 117 10.07 13.65 5.26
C GLY A 117 8.98 14.73 5.23
N ALA A 118 7.93 14.55 4.43
CA ALA A 118 6.79 15.46 4.48
C ALA A 118 5.58 14.77 3.89
N PRO A 119 4.36 15.30 4.09
CA PRO A 119 3.14 14.64 3.60
C PRO A 119 2.88 14.79 2.10
N TYR A 120 1.95 13.96 1.59
CA TYR A 120 1.42 14.05 0.26
C TYR A 120 0.02 14.63 0.42
N TYR A 121 -0.17 15.84 -0.09
CA TYR A 121 -1.43 16.53 0.08
C TYR A 121 -2.17 16.74 -1.23
N HIS A 122 -3.50 16.89 -1.10
CA HIS A 122 -4.40 17.39 -2.11
C HIS A 122 -4.98 18.72 -1.60
N ILE A 123 -4.95 19.75 -2.45
CA ILE A 123 -5.19 21.12 -2.02
C ILE A 123 -5.80 21.90 -3.18
N HIS A 124 -6.58 22.91 -2.85
CA HIS A 124 -7.11 23.78 -3.89
C HIS A 124 -5.98 24.68 -4.39
N ARG A 125 -5.86 24.85 -5.71
CA ARG A 125 -4.82 25.66 -6.30
C ARG A 125 -4.84 27.07 -5.69
N ALA A 126 -6.02 27.59 -5.35
CA ALA A 126 -6.12 28.96 -4.84
C ALA A 126 -5.55 29.01 -3.43
N ASP A 127 -5.73 27.95 -2.66
CA ASP A 127 -5.24 27.93 -1.30
C ASP A 127 -3.71 27.87 -1.34
N LEU A 128 -3.18 27.07 -2.24
CA LEU A 128 -1.75 26.98 -2.39
C LEU A 128 -1.15 28.29 -2.88
N PHE A 129 -1.72 28.87 -3.94
CA PHE A 129 -1.33 30.19 -4.40
C PHE A 129 -1.36 31.20 -3.26
N ASN A 130 -2.41 31.25 -2.45
CA ASN A 130 -2.52 32.26 -1.40
C ASN A 130 -1.44 32.10 -0.35
N ILE A 131 -1.10 30.85 -0.06
CA ILE A 131 -0.04 30.55 0.89
C ILE A 131 1.32 31.01 0.32
N LEU A 132 1.55 30.80 -0.97
CA LEU A 132 2.81 31.21 -1.56
C LEU A 132 2.88 32.74 -1.63
N TYR A 133 1.74 33.35 -1.91
CA TYR A 133 1.66 34.80 -1.98
C TYR A 133 2.03 35.39 -0.62
N SER A 134 1.60 34.71 0.48
CA SER A 134 1.86 35.22 1.80
C SER A 134 3.37 35.23 2.09
N LEU A 135 4.13 34.27 1.54
CA LEU A 135 5.59 34.26 1.65
C LEU A 135 6.26 35.34 0.78
N ALA A 136 5.84 35.45 -0.49
CA ALA A 136 6.44 36.33 -1.48
C ALA A 136 6.16 37.82 -1.22
N ALA A 137 4.98 38.13 -0.69
CA ALA A 137 4.52 39.52 -0.76
C ALA A 137 5.56 40.54 -0.24
N PRO A 138 6.13 40.39 0.96
CA PRO A 138 7.09 41.39 1.46
C PRO A 138 8.41 41.45 0.66
N TYR A 139 8.66 40.43 -0.16
CA TYR A 139 9.89 40.33 -0.94
C TYR A 139 9.71 40.83 -2.38
N MET A 140 8.49 41.09 -2.86
CA MET A 140 8.34 41.46 -4.26
C MET A 140 7.60 42.76 -4.44
N THR A 141 8.15 43.63 -5.31
CA THR A 141 7.39 44.71 -5.90
C THR A 141 6.62 44.12 -7.06
N LEU A 142 5.30 43.91 -6.89
CA LEU A 142 4.46 43.33 -7.93
C LEU A 142 3.89 44.43 -8.82
N ARG A 143 4.09 44.26 -10.15
CA ARG A 143 3.56 45.18 -11.15
C ARG A 143 2.59 44.42 -12.02
N LEU A 144 1.30 44.76 -11.94
CA LEU A 144 0.26 44.11 -12.69
C LEU A 144 -0.01 44.90 -13.95
N GLY A 145 -0.58 44.27 -14.97
CA GLY A 145 -0.78 44.92 -16.27
C GLY A 145 0.54 45.24 -16.95
N ALA A 146 1.58 44.48 -16.63
CA ALA A 146 2.93 44.67 -17.19
C ALA A 146 3.27 43.50 -18.11
N THR A 147 3.06 43.72 -19.43
CA THR A 147 3.28 42.67 -20.39
C THR A 147 4.67 42.86 -20.96
N VAL A 148 5.60 41.92 -20.67
CA VAL A 148 6.92 42.00 -21.28
C VAL A 148 6.78 41.62 -22.75
N VAL A 149 7.26 42.49 -23.65
CA VAL A 149 7.21 42.25 -25.10
C VAL A 149 8.61 42.20 -25.73
N SER A 150 9.63 42.76 -25.07
CA SER A 150 11.00 42.66 -25.52
C SER A 150 11.94 42.60 -24.30
N VAL A 151 13.18 42.23 -24.57
CA VAL A 151 14.21 42.15 -23.58
C VAL A 151 15.50 42.69 -24.19
N ASP A 152 16.17 43.54 -23.42
CA ASP A 152 17.57 43.80 -23.66
C ASP A 152 18.34 42.72 -22.90
N THR A 153 18.93 41.80 -23.66
CA THR A 153 19.60 40.66 -23.07
C THR A 153 20.97 40.99 -22.46
N GLU A 154 21.47 42.22 -22.68
CA GLU A 154 22.84 42.59 -22.29
C GLU A 154 22.84 43.27 -20.94
N THR A 155 21.94 44.24 -20.75
CA THR A 155 21.93 45.10 -19.59
C THR A 155 21.68 44.33 -18.28
N PRO A 156 20.65 43.48 -18.10
CA PRO A 156 19.48 43.37 -18.97
C PRO A 156 18.32 44.28 -18.59
N SER A 157 17.29 44.33 -19.42
CA SER A 157 16.10 45.11 -19.15
C SER A 157 14.92 44.40 -19.76
N ALA A 158 13.77 44.53 -19.10
CA ALA A 158 12.52 44.03 -19.58
C ALA A 158 11.75 45.22 -20.10
N ILE A 159 11.21 45.10 -21.31
CA ILE A 159 10.51 46.17 -21.94
C ILE A 159 9.04 45.81 -22.00
N LEU A 160 8.20 46.70 -21.47
CA LEU A 160 6.77 46.44 -21.38
C LEU A 160 6.10 46.85 -22.68
N ALA A 161 4.84 46.43 -22.83
CA ALA A 161 4.08 46.72 -24.04
C ALA A 161 3.88 48.22 -24.21
N THR A 162 4.00 48.98 -23.13
CA THR A 162 3.85 50.43 -23.16
C THR A 162 5.15 51.06 -23.61
N GLY A 163 6.25 50.29 -23.64
CA GLY A 163 7.55 50.88 -23.97
C GLY A 163 8.40 51.17 -22.74
N GLU A 164 7.81 51.05 -21.54
CA GLU A 164 8.55 51.24 -20.33
C GLU A 164 9.70 50.25 -20.26
N VAL A 165 10.90 50.77 -19.95
CA VAL A 165 12.08 49.94 -19.73
C VAL A 165 12.27 49.70 -18.24
N VAL A 166 12.45 48.43 -17.85
CA VAL A 166 12.60 48.07 -16.44
C VAL A 166 13.96 47.42 -16.31
N HIS A 167 14.85 48.14 -15.63
CA HIS A 167 16.24 47.77 -15.46
C HIS A 167 16.37 46.80 -14.30
N GLY A 168 17.28 45.85 -14.44
CA GLY A 168 17.66 44.95 -13.36
C GLY A 168 19.00 44.28 -13.68
N ASP A 169 19.41 43.33 -12.85
CA ASP A 169 20.65 42.60 -13.06
C ASP A 169 20.42 41.25 -13.71
N LEU A 170 19.19 40.72 -13.55
CA LEU A 170 18.87 39.37 -13.99
C LEU A 170 17.38 39.28 -14.25
N ILE A 171 17.03 38.54 -15.31
CA ILE A 171 15.65 38.26 -15.67
C ILE A 171 15.38 36.77 -15.55
N ILE A 172 14.31 36.43 -14.81
CA ILE A 172 13.83 35.05 -14.79
C ILE A 172 12.47 35.00 -15.48
N GLY A 173 12.39 34.21 -16.54
CA GLY A 173 11.12 33.96 -17.19
C GLY A 173 10.36 32.88 -16.45
N ALA A 174 9.39 33.30 -15.60
CA ALA A 174 8.48 32.38 -14.95
C ALA A 174 7.10 32.53 -15.57
N ASP A 175 7.09 32.62 -16.90
CA ASP A 175 5.97 33.18 -17.65
C ASP A 175 5.20 32.09 -18.38
N GLY A 176 5.33 30.85 -17.92
CA GLY A 176 4.42 29.78 -18.25
C GLY A 176 4.58 29.12 -19.62
N VAL A 177 3.55 28.38 -19.97
CA VAL A 177 3.55 27.57 -21.16
C VAL A 177 3.59 28.41 -22.44
N LYS A 178 3.13 29.68 -22.43
CA LYS A 178 3.29 30.57 -23.55
C LYS A 178 4.42 31.59 -23.35
N SER A 179 5.45 31.18 -22.58
CA SER A 179 6.59 32.03 -22.26
C SER A 179 7.06 32.84 -23.47
N PHE A 180 7.13 34.15 -23.29
CA PHE A 180 7.89 35.02 -24.17
C PHE A 180 9.41 34.90 -23.89
N ILE A 181 9.79 34.78 -22.60
CA ILE A 181 11.19 34.82 -22.21
C ILE A 181 11.89 33.57 -22.74
N GLN A 182 11.17 32.45 -22.91
CA GLN A 182 11.77 31.29 -23.58
C GLN A 182 12.25 31.64 -24.98
N ARG A 183 11.45 32.49 -25.66
CA ARG A 183 11.76 32.92 -27.02
C ARG A 183 13.01 33.80 -26.98
N VAL A 184 13.10 34.65 -25.96
CA VAL A 184 14.25 35.53 -25.77
C VAL A 184 15.51 34.69 -25.56
N VAL A 185 15.43 33.72 -24.65
CA VAL A 185 16.57 32.90 -24.25
C VAL A 185 17.13 32.14 -25.45
N LEU A 186 16.24 31.56 -26.28
CA LEU A 186 16.64 30.73 -27.40
C LEU A 186 16.86 31.60 -28.65
N GLY A 187 16.47 32.89 -28.60
CA GLY A 187 16.80 33.82 -29.68
C GLY A 187 15.95 33.62 -30.92
N LYS A 188 14.74 33.06 -30.76
CA LYS A 188 13.87 32.70 -31.85
C LYS A 188 12.52 32.22 -31.32
N PRO A 189 11.47 32.22 -32.18
CA PRO A 189 10.18 31.61 -31.81
C PRO A 189 10.37 30.19 -31.34
N SER A 190 9.69 29.86 -30.26
CA SER A 190 9.83 28.60 -29.57
C SER A 190 8.66 28.49 -28.62
N SER A 191 8.04 27.31 -28.60
CA SER A 191 6.81 27.09 -27.85
C SER A 191 6.61 25.61 -27.52
N ALA A 192 6.09 25.36 -26.29
CA ALA A 192 5.23 24.21 -25.99
C ALA A 192 4.16 24.10 -27.07
N GLU A 193 3.82 22.86 -27.47
CA GLU A 193 2.87 22.64 -28.55
C GLU A 193 1.72 21.75 -28.04
N PRO A 194 0.52 21.77 -28.68
CA PRO A 194 -0.57 20.87 -28.27
C PRO A 194 -0.17 19.39 -28.39
N THR A 195 -0.73 18.53 -27.53
CA THR A 195 -0.33 17.14 -27.45
C THR A 195 -1.33 16.23 -28.13
N GLY A 196 -2.52 16.76 -28.47
CA GLY A 196 -3.58 15.89 -28.91
C GLY A 196 -4.50 15.47 -27.76
N ASP A 197 -4.11 15.78 -26.51
CA ASP A 197 -4.94 15.58 -25.32
C ASP A 197 -5.42 16.94 -24.77
N ALA A 198 -6.64 16.92 -24.22
CA ALA A 198 -7.25 18.00 -23.45
C ALA A 198 -7.87 17.42 -22.17
N VAL A 199 -8.19 18.30 -21.23
CA VAL A 199 -8.92 17.91 -20.03
C VAL A 199 -10.13 18.81 -19.86
N TYR A 200 -11.17 18.17 -19.33
CA TYR A 200 -12.19 18.91 -18.60
C TYR A 200 -11.77 18.96 -17.13
N ARG A 201 -11.91 20.12 -16.51
CA ARG A 201 -11.60 20.35 -15.12
C ARG A 201 -12.87 20.80 -14.38
N ALA A 202 -13.22 20.08 -13.32
CA ALA A 202 -14.44 20.36 -12.58
C ALA A 202 -14.25 20.15 -11.09
N ILE A 203 -15.01 20.90 -10.31
CA ILE A 203 -15.20 20.70 -8.89
C ILE A 203 -16.68 20.44 -8.65
N ILE A 204 -17.00 19.43 -7.81
CA ILE A 204 -18.36 19.16 -7.40
C ILE A 204 -18.45 19.24 -5.88
N PRO A 205 -19.69 19.44 -5.35
CA PRO A 205 -19.93 19.50 -3.92
C PRO A 205 -19.85 18.12 -3.30
N THR A 206 -19.02 17.95 -2.26
CA THR A 206 -18.99 16.71 -1.50
C THR A 206 -20.33 16.42 -0.85
N ALA A 207 -21.14 17.45 -0.58
CA ALA A 207 -22.43 17.24 0.03
C ALA A 207 -23.30 16.31 -0.82
N LEU A 208 -23.21 16.42 -2.16
CA LEU A 208 -24.06 15.62 -3.03
C LEU A 208 -23.61 14.15 -3.00
N MET A 209 -22.33 13.95 -2.77
CA MET A 209 -21.73 12.63 -2.77
C MET A 209 -22.06 11.95 -1.44
N ARG A 210 -21.98 12.73 -0.35
CA ARG A 210 -22.26 12.19 0.98
C ARG A 210 -23.68 11.70 1.06
N ALA A 211 -24.61 12.30 0.31
CA ALA A 211 -26.03 11.94 0.32
C ALA A 211 -26.30 10.62 -0.39
N ASP A 212 -25.35 10.10 -1.16
CA ASP A 212 -25.55 8.85 -1.88
C ASP A 212 -24.66 7.78 -1.23
N PRO A 213 -25.20 6.66 -0.73
CA PRO A 213 -24.39 5.68 -0.03
C PRO A 213 -23.24 5.10 -0.85
N GLU A 214 -23.39 5.02 -2.17
CA GLU A 214 -22.32 4.48 -3.00
C GLU A 214 -21.15 5.45 -3.18
N LEU A 215 -21.39 6.77 -2.99
CA LEU A 215 -20.43 7.80 -3.31
C LEU A 215 -19.81 8.38 -2.05
N ARG A 216 -20.52 8.27 -0.92
CA ARG A 216 -20.03 8.77 0.35
C ARG A 216 -18.62 8.25 0.67
N PRO A 217 -18.26 6.96 0.45
CA PRO A 217 -16.92 6.47 0.80
C PRO A 217 -15.81 7.26 0.14
N PHE A 218 -16.07 7.80 -1.07
CA PHE A 218 -15.08 8.59 -1.80
C PHE A 218 -14.79 9.88 -1.07
N VAL A 219 -15.70 10.29 -0.18
CA VAL A 219 -15.51 11.50 0.59
C VAL A 219 -14.85 11.12 1.92
N ASP A 220 -15.39 10.08 2.55
CA ASP A 220 -15.07 9.74 3.93
C ASP A 220 -13.73 9.01 3.99
N THR A 221 -13.32 8.31 2.91
CA THR A 221 -11.97 7.76 2.84
C THR A 221 -11.20 8.40 1.71
N PRO A 222 -10.57 9.57 1.94
CA PRO A 222 -9.95 10.33 0.88
C PRO A 222 -8.86 9.56 0.18
N GLU A 223 -9.06 9.34 -1.12
CA GLU A 223 -8.05 8.77 -2.00
C GLU A 223 -7.95 9.59 -3.29
N MET A 224 -6.85 9.36 -4.01
CA MET A 224 -6.70 9.80 -5.39
C MET A 224 -7.22 8.66 -6.25
N THR A 225 -8.40 8.83 -6.86
CA THR A 225 -8.97 7.78 -7.68
C THR A 225 -8.71 8.07 -9.15
N GLY A 226 -8.17 7.06 -9.84
CA GLY A 226 -7.96 7.13 -11.28
C GLY A 226 -8.71 6.02 -12.03
N TRP A 227 -9.65 6.39 -12.88
CA TRP A 227 -10.32 5.45 -13.77
C TRP A 227 -9.66 5.52 -15.14
N MET A 228 -9.16 4.38 -15.62
CA MET A 228 -8.39 4.29 -16.85
C MET A 228 -9.21 3.61 -17.93
N GLY A 229 -9.29 4.24 -19.10
CA GLY A 229 -10.03 3.71 -20.22
C GLY A 229 -9.36 4.01 -21.56
N PRO A 230 -9.90 3.49 -22.69
CA PRO A 230 -9.32 3.73 -24.00
C PRO A 230 -9.29 5.23 -24.31
N GLN A 231 -8.06 5.76 -24.39
CA GLN A 231 -7.76 7.14 -24.76
C GLN A 231 -8.19 8.19 -23.75
N ARG A 232 -8.62 7.75 -22.56
CA ARG A 232 -9.25 8.67 -21.64
C ARG A 232 -8.96 8.18 -20.22
N HIS A 233 -8.84 9.11 -19.28
CA HIS A 233 -8.88 8.71 -17.89
C HIS A 233 -9.38 9.88 -17.05
N ILE A 234 -9.85 9.52 -15.85
CA ILE A 234 -10.39 10.45 -14.90
C ILE A 234 -9.56 10.34 -13.62
N MET A 235 -9.23 11.49 -13.06
CA MET A 235 -8.61 11.56 -11.76
C MET A 235 -9.51 12.38 -10.87
N ALA A 236 -9.73 11.89 -9.65
CA ALA A 236 -10.64 12.57 -8.74
C ALA A 236 -10.19 12.43 -7.29
N TYR A 237 -10.36 13.51 -6.53
CA TYR A 237 -9.90 13.57 -5.16
C TYR A 237 -10.49 14.79 -4.46
N ASN A 238 -10.69 14.64 -3.15
CA ASN A 238 -11.12 15.73 -2.29
C ASN A 238 -10.01 16.75 -2.13
N ILE A 239 -10.40 18.04 -2.14
CA ILE A 239 -9.43 19.13 -2.03
C ILE A 239 -9.78 20.10 -0.90
N ARG A 240 -11.03 20.12 -0.48
CA ARG A 240 -11.45 20.86 0.71
C ARG A 240 -12.61 20.10 1.31
N ALA A 241 -13.08 20.53 2.47
CA ALA A 241 -14.15 19.79 3.11
C ALA A 241 -15.37 19.73 2.18
N GLU A 242 -15.64 20.81 1.43
CA GLU A 242 -16.86 20.93 0.65
C GLU A 242 -16.69 20.55 -0.82
N GLU A 243 -15.46 20.31 -1.28
CA GLU A 243 -15.15 20.23 -2.70
C GLU A 243 -14.40 18.98 -3.11
N TYR A 244 -14.85 18.36 -4.21
CA TYR A 244 -14.19 17.20 -4.81
C TYR A 244 -13.78 17.56 -6.24
N ASN A 245 -12.49 17.41 -6.52
CA ASN A 245 -11.87 17.72 -7.78
C ASN A 245 -11.98 16.55 -8.74
N ILE A 246 -12.33 16.84 -10.00
CA ILE A 246 -12.37 15.85 -11.05
C ILE A 246 -11.70 16.38 -12.33
N VAL A 247 -10.88 15.53 -12.97
CA VAL A 247 -10.15 15.91 -14.16
C VAL A 247 -10.27 14.78 -15.15
N LEU A 248 -10.74 15.10 -16.36
CA LEU A 248 -11.07 14.11 -17.37
C LEU A 248 -10.23 14.38 -18.61
N ALA A 249 -9.29 13.48 -18.89
CA ALA A 249 -8.38 13.57 -20.02
C ALA A 249 -8.96 12.76 -21.16
N HIS A 250 -8.84 13.32 -22.37
CA HIS A 250 -9.53 12.83 -23.54
C HIS A 250 -8.86 13.42 -24.78
N PRO A 251 -9.06 12.81 -25.99
CA PRO A 251 -8.58 13.37 -27.25
C PRO A 251 -9.11 14.77 -27.51
N ASP A 252 -8.20 15.66 -27.88
CA ASP A 252 -8.49 17.05 -28.19
C ASP A 252 -8.93 17.12 -29.64
N ASP A 253 -10.16 17.55 -29.95
CA ASP A 253 -10.53 17.74 -31.35
C ASP A 253 -10.44 19.21 -31.77
N GLY A 254 -10.15 20.15 -30.84
CA GLY A 254 -10.02 21.56 -31.18
C GLY A 254 -10.35 22.49 -30.02
N GLY A 263 -23.34 23.20 -24.03
CA GLY A 263 -23.20 21.79 -23.65
C GLY A 263 -21.73 21.41 -23.49
N SER A 264 -21.05 22.10 -22.57
CA SER A 264 -19.66 21.81 -22.23
C SER A 264 -19.58 20.60 -21.27
N ALA A 265 -20.28 20.74 -20.13
CA ALA A 265 -20.56 19.65 -19.21
C ALA A 265 -21.29 18.53 -19.94
N ASP A 266 -22.14 18.87 -20.94
CA ASP A 266 -22.87 17.86 -21.66
C ASP A 266 -21.96 17.00 -22.53
N LYS A 267 -20.99 17.64 -23.18
CA LYS A 267 -20.07 16.95 -24.06
C LYS A 267 -19.13 16.07 -23.24
N MET A 268 -18.70 16.58 -22.09
CA MET A 268 -17.94 15.78 -21.14
C MET A 268 -18.70 14.50 -20.78
N ARG A 269 -19.97 14.64 -20.41
CA ARG A 269 -20.74 13.45 -20.00
C ARG A 269 -20.82 12.46 -21.15
N SER A 270 -21.07 13.02 -22.33
CA SER A 270 -21.12 12.25 -23.55
C SER A 270 -19.79 11.54 -23.81
N ASP A 271 -18.66 12.22 -23.64
CA ASP A 271 -17.35 11.66 -23.92
C ASP A 271 -17.01 10.52 -22.97
N PHE A 272 -17.62 10.47 -21.77
CA PHE A 272 -17.29 9.45 -20.79
C PHE A 272 -18.49 8.57 -20.46
N ALA A 273 -19.41 8.46 -21.41
CA ALA A 273 -20.67 7.73 -21.23
C ALA A 273 -20.43 6.25 -20.96
N ASP A 274 -19.24 5.71 -21.31
CA ASP A 274 -18.99 4.28 -21.15
C ASP A 274 -18.34 3.94 -19.81
N PHE A 275 -18.06 4.97 -18.96
CA PHE A 275 -17.44 4.74 -17.67
C PHE A 275 -18.51 4.28 -16.68
N GLU A 276 -18.05 3.69 -15.56
CA GLU A 276 -18.90 2.93 -14.65
C GLU A 276 -19.99 3.78 -14.01
N PRO A 277 -21.07 3.17 -13.46
CA PRO A 277 -22.22 3.91 -12.94
C PRO A 277 -21.93 4.96 -11.88
N ARG A 278 -20.94 4.72 -11.00
CA ARG A 278 -20.63 5.73 -10.00
C ARG A 278 -20.01 6.97 -10.65
N VAL A 279 -19.25 6.75 -11.73
CA VAL A 279 -18.71 7.86 -12.50
C VAL A 279 -19.84 8.68 -13.14
N GLN A 280 -20.88 8.02 -13.63
CA GLN A 280 -22.00 8.73 -14.26
C GLN A 280 -22.66 9.66 -13.23
N LYS A 281 -22.84 9.14 -12.03
CA LYS A 281 -23.37 9.98 -10.95
C LYS A 281 -22.47 11.19 -10.67
N LEU A 282 -21.16 10.96 -10.48
CA LEU A 282 -20.28 12.06 -10.19
C LEU A 282 -20.40 13.11 -11.28
N LEU A 283 -20.43 12.69 -12.56
CA LEU A 283 -20.47 13.64 -13.65
C LEU A 283 -21.83 14.33 -13.75
N SER A 284 -22.90 13.66 -13.31
CA SER A 284 -24.21 14.30 -13.30
C SER A 284 -24.23 15.49 -12.33
N PHE A 285 -23.27 15.52 -11.37
CA PHE A 285 -23.17 16.60 -10.41
C PHE A 285 -22.39 17.80 -10.94
N VAL A 286 -21.72 17.68 -12.10
CA VAL A 286 -20.94 18.76 -12.68
C VAL A 286 -21.88 19.75 -13.37
N LYS A 287 -21.83 21.02 -12.93
CA LYS A 287 -22.63 22.10 -13.55
C LYS A 287 -21.90 22.70 -14.72
N SER A 288 -20.61 22.96 -14.53
CA SER A 288 -19.77 23.53 -15.56
C SER A 288 -18.33 23.01 -15.38
N THR A 289 -17.53 23.29 -16.41
CA THR A 289 -16.23 22.68 -16.58
C THR A 289 -15.32 23.71 -17.25
N LEU A 290 -14.04 23.78 -16.88
CA LEU A 290 -12.98 24.36 -17.70
C LEU A 290 -12.51 23.34 -18.75
N LYS A 291 -12.48 23.74 -20.02
CA LYS A 291 -11.84 22.96 -21.06
C LYS A 291 -10.41 23.45 -21.14
N TRP A 292 -9.40 22.54 -21.17
CA TRP A 292 -8.02 22.99 -21.11
C TRP A 292 -7.16 22.13 -22.02
N ARG A 293 -6.43 22.75 -22.94
CA ARG A 293 -5.66 21.97 -23.87
C ARG A 293 -4.31 21.71 -23.24
N LEU A 294 -3.80 20.48 -23.41
CA LEU A 294 -2.56 20.08 -22.77
C LEU A 294 -1.44 20.20 -23.78
N MET A 295 -0.45 20.99 -23.38
CA MET A 295 0.75 21.32 -24.10
C MET A 295 1.91 20.55 -23.46
N ASP A 296 3.01 20.43 -24.19
CA ASP A 296 4.17 19.62 -23.84
C ASP A 296 5.31 20.21 -24.66
N ARG A 297 6.53 20.17 -24.16
CA ARG A 297 7.63 20.54 -25.00
C ARG A 297 8.76 19.55 -24.78
N GLN A 298 9.50 19.21 -25.83
CA GLN A 298 10.79 18.58 -25.66
C GLN A 298 11.64 19.47 -24.75
N PRO A 299 12.50 18.87 -23.93
CA PRO A 299 13.46 19.64 -23.13
C PRO A 299 14.25 20.64 -23.95
N LEU A 300 14.52 21.81 -23.37
CA LEU A 300 15.26 22.84 -24.09
C LEU A 300 16.75 22.49 -24.11
N GLU A 301 17.50 22.97 -25.11
CA GLU A 301 18.94 22.74 -25.15
C GLU A 301 19.63 23.58 -24.07
N THR A 302 19.01 24.69 -23.67
CA THR A 302 19.54 25.53 -22.62
C THR A 302 18.39 26.30 -22.01
N TRP A 303 18.58 26.71 -20.74
CA TRP A 303 17.69 27.58 -20.00
C TRP A 303 18.32 28.95 -19.82
N VAL A 304 19.54 29.14 -20.36
CA VAL A 304 20.31 30.37 -20.15
C VAL A 304 20.57 31.03 -21.50
N HIS A 305 20.21 32.31 -21.58
CA HIS A 305 20.62 33.15 -22.68
C HIS A 305 22.13 33.26 -22.67
N PRO A 306 22.81 33.17 -23.85
CA PRO A 306 24.29 33.10 -23.91
C PRO A 306 25.04 34.22 -23.20
N ALA A 307 24.43 35.41 -23.13
CA ALA A 307 25.01 36.58 -22.50
C ALA A 307 24.93 36.49 -20.97
N GLY A 308 24.20 35.50 -20.43
CA GLY A 308 24.24 35.21 -18.99
C GLY A 308 23.47 36.18 -18.07
N ARG A 309 22.38 36.77 -18.54
CA ARG A 309 21.59 37.70 -17.75
CA ARG A 309 21.59 37.71 -17.76
C ARG A 309 20.10 37.32 -17.77
N VAL A 310 19.74 36.19 -18.42
CA VAL A 310 18.35 35.76 -18.56
C VAL A 310 18.27 34.23 -18.46
N THR A 311 17.31 33.73 -17.66
CA THR A 311 17.02 32.32 -17.50
C THR A 311 15.52 32.10 -17.33
N LEU A 312 15.15 30.83 -17.09
CA LEU A 312 13.77 30.38 -17.16
C LEU A 312 13.45 29.53 -15.92
N LEU A 313 12.15 29.41 -15.61
CA LEU A 313 11.70 28.54 -14.53
C LEU A 313 10.28 28.06 -14.80
N GLY A 314 9.94 26.88 -14.26
CA GLY A 314 8.58 26.36 -14.33
C GLY A 314 8.16 25.97 -15.75
N ASP A 315 6.90 26.26 -16.08
CA ASP A 315 6.33 25.86 -17.36
C ASP A 315 7.05 26.55 -18.53
N ALA A 316 7.71 27.69 -18.28
CA ALA A 316 8.54 28.38 -19.25
C ALA A 316 9.74 27.55 -19.70
N CYS A 317 10.12 26.48 -19.00
CA CYS A 317 11.19 25.65 -19.54
C CYS A 317 10.93 24.13 -19.52
N HIS A 318 9.91 23.65 -18.81
CA HIS A 318 9.61 22.21 -18.73
C HIS A 318 8.10 21.94 -18.59
N ALA A 319 7.30 22.60 -19.43
CA ALA A 319 5.89 22.28 -19.60
C ALA A 319 5.73 20.80 -19.98
N MET A 320 4.86 20.10 -19.27
CA MET A 320 4.67 18.66 -19.43
C MET A 320 3.18 18.30 -19.37
N LEU A 321 2.84 17.15 -19.98
CA LEU A 321 1.58 16.49 -19.69
C LEU A 321 1.45 16.44 -18.17
N PRO A 322 0.22 16.58 -17.63
CA PRO A 322 0.03 16.62 -16.17
C PRO A 322 -0.10 15.25 -15.52
N TYR A 323 0.28 14.19 -16.23
CA TYR A 323 -0.11 12.86 -15.81
C TYR A 323 0.82 12.29 -14.74
N ARG A 324 1.80 13.06 -14.29
CA ARG A 324 2.68 12.67 -13.19
C ARG A 324 2.48 13.58 -11.98
N ALA A 325 1.65 14.65 -12.13
CA ALA A 325 1.28 15.56 -11.06
C ALA A 325 2.51 16.15 -10.41
N GLN A 326 3.41 16.75 -11.21
CA GLN A 326 4.68 17.27 -10.69
C GLN A 326 5.07 18.61 -11.31
N GLY A 327 4.26 19.22 -12.19
CA GLY A 327 4.61 20.47 -12.85
C GLY A 327 4.86 21.64 -11.86
N ALA A 328 3.94 21.89 -10.93
CA ALA A 328 4.18 22.92 -9.91
C ALA A 328 5.31 22.53 -8.97
N ALA A 329 5.45 21.23 -8.67
CA ALA A 329 6.55 20.74 -7.86
C ALA A 329 7.90 21.17 -8.48
N MET A 330 8.00 21.01 -9.80
CA MET A 330 9.22 21.31 -10.52
C MET A 330 9.45 22.82 -10.53
N ALA A 331 8.40 23.61 -10.74
CA ALA A 331 8.55 25.06 -10.65
C ALA A 331 9.07 25.52 -9.29
N ILE A 332 8.51 24.94 -8.20
CA ILE A 332 8.85 25.38 -6.86
C ILE A 332 10.24 24.88 -6.49
N GLU A 333 10.55 23.64 -6.89
CA GLU A 333 11.92 23.16 -6.78
C GLU A 333 12.89 24.07 -7.53
N ASP A 334 12.52 24.51 -8.74
CA ASP A 334 13.38 25.37 -9.55
C ASP A 334 13.71 26.63 -8.74
N ALA A 335 12.70 27.21 -8.12
CA ALA A 335 12.83 28.40 -7.30
C ALA A 335 13.73 28.16 -6.08
N ALA A 336 13.55 27.02 -5.43
CA ALA A 336 14.29 26.72 -4.23
C ALA A 336 15.79 26.59 -4.52
N VAL A 337 16.13 26.04 -5.71
CA VAL A 337 17.51 25.88 -6.13
C VAL A 337 18.12 27.23 -6.44
N LEU A 338 17.39 28.08 -7.19
CA LEU A 338 17.82 29.44 -7.41
C LEU A 338 18.14 30.13 -6.08
N GLY A 339 17.26 30.05 -5.07
CA GLY A 339 17.50 30.70 -3.78
C GLY A 339 18.82 30.30 -3.12
N VAL A 340 19.11 28.97 -3.10
CA VAL A 340 20.30 28.47 -2.49
C VAL A 340 21.52 28.94 -3.29
N LEU A 341 21.50 28.76 -4.62
CA LEU A 341 22.64 29.18 -5.44
C LEU A 341 22.94 30.68 -5.25
N PHE A 342 21.89 31.50 -5.30
CA PHE A 342 22.08 32.94 -5.28
C PHE A 342 22.23 33.53 -3.89
N ALA A 343 22.22 32.70 -2.83
CA ALA A 343 22.63 33.20 -1.53
C ALA A 343 24.15 33.37 -1.51
N HIS A 344 24.85 32.69 -2.44
CA HIS A 344 26.30 32.65 -2.48
C HIS A 344 26.94 33.67 -3.44
N ILE A 345 26.17 34.48 -4.17
CA ILE A 345 26.78 35.41 -5.10
C ILE A 345 27.43 36.58 -4.35
N SER A 346 28.73 36.81 -4.66
CA SER A 346 29.50 37.95 -4.16
C SER A 346 30.12 38.78 -5.27
N ASP A 347 30.00 38.35 -6.54
CA ASP A 347 30.62 39.05 -7.67
C ASP A 347 29.81 38.81 -8.94
N ILE A 348 29.61 39.87 -9.73
CA ILE A 348 28.78 39.81 -10.93
C ILE A 348 29.32 38.79 -11.94
N ALA A 349 30.63 38.51 -11.93
CA ALA A 349 31.21 37.50 -12.81
C ALA A 349 30.68 36.10 -12.52
N GLN A 350 30.18 35.84 -11.31
CA GLN A 350 29.64 34.53 -10.96
C GLN A 350 28.21 34.31 -11.48
N LEU A 351 27.52 35.36 -11.96
CA LEU A 351 26.12 35.28 -12.33
C LEU A 351 25.89 34.23 -13.42
N LYS A 352 26.66 34.30 -14.52
CA LYS A 352 26.43 33.44 -15.64
C LYS A 352 26.71 31.99 -15.25
N PRO A 353 27.86 31.67 -14.60
CA PRO A 353 28.10 30.30 -14.12
C PRO A 353 27.05 29.74 -13.16
N LEU A 354 26.49 30.61 -12.32
CA LEU A 354 25.40 30.18 -11.44
C LEU A 354 24.14 29.79 -12.23
N LEU A 355 23.86 30.49 -13.32
CA LEU A 355 22.68 30.13 -14.15
C LEU A 355 22.91 28.77 -14.80
N TYR A 356 24.13 28.49 -15.21
CA TYR A 356 24.44 27.20 -15.78
C TYR A 356 24.44 26.12 -14.70
N ALA A 357 24.83 26.44 -13.46
CA ALA A 357 24.73 25.48 -12.35
C ALA A 357 23.26 25.15 -12.06
N TYR A 358 22.41 26.17 -12.05
CA TYR A 358 20.96 25.98 -11.95
C TYR A 358 20.45 25.04 -13.03
N GLU A 359 20.84 25.31 -14.29
CA GLU A 359 20.40 24.48 -15.40
C GLU A 359 20.89 23.04 -15.22
N GLU A 360 22.14 22.89 -14.87
CA GLU A 360 22.76 21.59 -14.63
C GLU A 360 22.01 20.79 -13.56
N LEU A 361 21.59 21.48 -12.51
CA LEU A 361 20.95 20.83 -11.39
C LEU A 361 19.50 20.47 -11.71
N ARG A 362 18.85 21.14 -12.66
CA ARG A 362 17.41 21.03 -12.81
C ARG A 362 16.99 20.37 -14.11
N LEU A 363 17.74 20.55 -15.21
CA LEU A 363 17.30 20.11 -16.52
C LEU A 363 17.06 18.60 -16.51
N PRO A 364 18.01 17.75 -16.01
CA PRO A 364 17.82 16.31 -16.07
C PRO A 364 16.59 15.79 -15.29
N ARG A 365 16.38 16.32 -14.09
CA ARG A 365 15.27 15.87 -13.26
C ARG A 365 13.93 16.22 -13.92
N THR A 366 13.79 17.47 -14.38
CA THR A 366 12.57 17.92 -15.01
C THR A 366 12.28 17.15 -16.28
N ALA A 367 13.34 16.81 -17.04
CA ALA A 367 13.19 16.08 -18.29
C ALA A 367 12.75 14.65 -18.00
N ARG A 368 13.32 14.05 -16.95
CA ARG A 368 12.91 12.72 -16.57
C ARG A 368 11.44 12.76 -16.16
N THR A 369 11.07 13.81 -15.44
CA THR A 369 9.74 13.91 -14.90
C THR A 369 8.74 14.04 -16.06
N GLN A 370 9.04 14.95 -17.04
CA GLN A 370 8.27 15.10 -18.28
CA GLN A 370 8.20 15.05 -18.22
C GLN A 370 8.10 13.71 -18.93
N GLY A 371 9.20 12.94 -18.93
CA GLY A 371 9.23 11.56 -19.45
C GLY A 371 8.23 10.63 -18.78
N ASP A 372 8.18 10.67 -17.45
CA ASP A 372 7.28 9.80 -16.69
C ASP A 372 5.80 10.15 -16.93
N ALA A 373 5.54 11.45 -17.17
CA ALA A 373 4.21 11.90 -17.46
C ALA A 373 3.80 11.34 -18.83
N ARG A 374 4.73 11.34 -19.79
CA ARG A 374 4.45 10.80 -21.11
CA ARG A 374 4.44 10.81 -21.12
C ARG A 374 4.20 9.30 -21.05
N SER A 375 4.98 8.58 -20.24
CA SER A 375 4.76 7.15 -20.02
CA SER A 375 4.76 7.16 -20.06
C SER A 375 3.34 6.89 -19.50
N ASN A 376 2.85 7.74 -18.59
CA ASN A 376 1.53 7.54 -18.00
C ASN A 376 0.41 7.82 -19.01
N GLN A 377 0.61 8.76 -19.95
CA GLN A 377 -0.34 8.94 -21.03
C GLN A 377 -0.62 7.60 -21.71
N LYS A 378 0.45 6.88 -22.05
CA LYS A 378 0.29 5.58 -22.69
C LYS A 378 -0.41 4.61 -21.76
N THR A 379 0.12 4.46 -20.53
CA THR A 379 -0.35 3.47 -19.55
C THR A 379 -1.84 3.66 -19.25
N PHE A 380 -2.24 4.92 -19.02
CA PHE A 380 -3.57 5.25 -18.56
C PHE A 380 -4.62 5.12 -19.66
N HIS A 381 -4.18 5.24 -20.91
CA HIS A 381 -5.09 5.36 -22.02
C HIS A 381 -5.14 4.08 -22.87
N LEU A 382 -4.59 2.96 -22.39
CA LEU A 382 -4.55 1.77 -23.22
C LEU A 382 -5.97 1.34 -23.62
N PRO A 383 -6.14 0.84 -24.87
CA PRO A 383 -7.37 0.18 -25.27
C PRO A 383 -7.42 -1.15 -24.56
N ASP A 384 -8.61 -1.77 -24.44
CA ASP A 384 -8.66 -3.11 -23.91
C ASP A 384 -7.85 -4.04 -24.80
N GLY A 385 -7.06 -4.93 -24.19
CA GLY A 385 -6.23 -5.86 -24.93
C GLY A 385 -5.07 -6.37 -24.08
N PRO A 386 -4.09 -7.09 -24.69
CA PRO A 386 -2.94 -7.62 -23.96
C PRO A 386 -2.21 -6.65 -23.01
N SER A 387 -1.90 -5.45 -23.52
CA SER A 387 -1.16 -4.44 -22.78
C SER A 387 -1.93 -4.01 -21.53
N GLN A 388 -3.23 -3.84 -21.72
CA GLN A 388 -4.11 -3.37 -20.66
C GLN A 388 -4.20 -4.46 -19.61
N GLN A 389 -4.27 -5.72 -20.06
CA GLN A 389 -4.33 -6.84 -19.15
C GLN A 389 -3.04 -6.95 -18.34
N ALA A 390 -1.91 -6.74 -19.00
CA ALA A 390 -0.61 -6.81 -18.35
C ALA A 390 -0.45 -5.64 -17.38
N ARG A 391 -0.89 -4.44 -17.79
CA ARG A 391 -0.84 -3.27 -16.92
C ARG A 391 -1.60 -3.53 -15.63
N ASP A 392 -2.82 -4.05 -15.77
CA ASP A 392 -3.69 -4.31 -14.65
C ASP A 392 -3.04 -5.33 -13.70
N ASP A 393 -2.47 -6.41 -14.25
CA ASP A 393 -1.69 -7.37 -13.46
C ASP A 393 -0.51 -6.70 -12.75
N ASN A 394 0.26 -5.84 -13.43
CA ASN A 394 1.38 -5.17 -12.79
C ASN A 394 0.89 -4.32 -11.63
N MET A 395 -0.28 -3.69 -11.83
CA MET A 395 -0.77 -2.75 -10.84
C MET A 395 -1.29 -3.50 -9.60
N ARG A 396 -1.91 -4.66 -9.80
CA ARG A 396 -2.42 -5.46 -8.68
C ARG A 396 -1.26 -5.88 -7.77
N LYS A 397 -0.17 -6.34 -8.36
CA LYS A 397 0.96 -6.86 -7.60
C LYS A 397 1.94 -5.77 -7.20
N ALA A 398 1.70 -4.51 -7.60
CA ALA A 398 2.60 -3.40 -7.33
C ALA A 398 4.01 -3.72 -7.82
N ALA A 399 4.14 -3.95 -9.14
CA ALA A 399 5.40 -4.34 -9.78
C ALA A 399 6.43 -3.23 -9.60
N GLN A 400 7.67 -3.67 -9.32
CA GLN A 400 8.79 -2.80 -9.04
C GLN A 400 9.74 -2.78 -10.23
N VAL A 401 10.07 -1.58 -10.75
CA VAL A 401 11.09 -1.40 -11.78
C VAL A 401 12.36 -2.22 -11.48
N VAL A 402 12.66 -2.54 -10.21
CA VAL A 402 13.58 -3.63 -9.91
C VAL A 402 12.77 -4.93 -9.77
N GLY A 426 1.92 1.09 -21.13
CA GLY A 426 1.06 -0.06 -20.74
C GLY A 426 1.66 -0.90 -19.62
N ASN A 427 2.17 -0.16 -18.65
CA ASN A 427 3.33 -0.46 -17.84
C ASN A 427 2.82 -0.64 -16.41
N SER A 428 3.00 0.32 -15.49
CA SER A 428 2.55 0.08 -14.12
C SER A 428 2.17 1.38 -13.39
N ASN A 429 2.06 1.24 -12.07
CA ASN A 429 1.72 2.28 -11.12
C ASN A 429 3.01 2.86 -10.54
N GLN A 430 3.46 3.99 -11.09
CA GLN A 430 4.75 4.54 -10.72
C GLN A 430 4.80 4.80 -9.21
N TRP A 431 3.62 5.15 -8.63
CA TRP A 431 3.56 5.59 -7.23
C TRP A 431 3.63 4.41 -6.24
N ALA A 432 3.55 3.19 -6.75
CA ALA A 432 3.76 1.99 -5.94
C ALA A 432 5.17 1.46 -6.07
N ASP A 433 6.01 2.14 -6.85
CA ASP A 433 7.39 1.74 -7.05
C ASP A 433 8.29 2.47 -6.08
N HIS A 434 8.95 1.73 -5.19
CA HIS A 434 9.75 2.29 -4.11
C HIS A 434 10.90 3.14 -4.64
N GLN A 435 11.58 2.65 -5.70
CA GLN A 435 12.70 3.36 -6.27
C GLN A 435 12.23 4.69 -6.88
N LYS A 436 11.11 4.66 -7.60
CA LYS A 436 10.61 5.83 -8.30
C LYS A 436 10.19 6.85 -7.27
N ASN A 437 9.56 6.36 -6.19
CA ASN A 437 9.16 7.16 -5.04
C ASN A 437 10.39 7.81 -4.40
N GLN A 438 11.43 7.03 -4.14
CA GLN A 438 12.63 7.60 -3.54
C GLN A 438 13.21 8.74 -4.40
N GLU A 439 13.37 8.47 -5.69
CA GLU A 439 13.92 9.42 -6.63
C GLU A 439 13.04 10.68 -6.74
N GLN A 440 11.71 10.55 -6.79
CA GLN A 440 10.89 11.71 -7.01
C GLN A 440 10.62 12.45 -5.71
N PHE A 441 10.21 11.71 -4.68
CA PHE A 441 9.60 12.27 -3.50
C PHE A 441 10.59 12.41 -2.37
N GLY A 442 11.69 11.64 -2.43
CA GLY A 442 12.75 11.74 -1.44
C GLY A 442 13.70 12.88 -1.75
N TYR A 443 13.57 13.53 -2.90
CA TYR A 443 14.44 14.63 -3.33
C TYR A 443 14.16 15.91 -2.53
N ASP A 444 15.26 16.56 -2.14
CA ASP A 444 15.28 17.81 -1.41
C ASP A 444 16.04 18.83 -2.23
N ALA A 445 15.33 19.79 -2.83
CA ALA A 445 15.89 20.73 -3.79
C ALA A 445 17.00 21.55 -3.15
N GLU A 446 16.78 21.97 -1.90
CA GLU A 446 17.72 22.82 -1.20
C GLU A 446 18.97 22.03 -0.86
N ALA A 447 18.80 20.81 -0.34
CA ALA A 447 19.92 19.95 -0.06
C ALA A 447 20.76 19.65 -1.33
N ALA A 448 20.10 19.35 -2.45
CA ALA A 448 20.81 19.07 -3.69
C ALA A 448 21.73 20.22 -4.10
N ALA A 449 21.20 21.45 -4.02
CA ALA A 449 21.98 22.61 -4.43
C ALA A 449 23.11 22.91 -3.45
N GLU A 450 22.88 22.64 -2.14
CA GLU A 450 23.92 22.88 -1.15
C GLU A 450 25.04 21.86 -1.31
N GLN A 451 24.66 20.59 -1.53
CA GLN A 451 25.58 19.50 -1.77
C GLN A 451 26.45 19.86 -2.96
N TRP A 452 25.81 20.44 -4.00
CA TRP A 452 26.48 20.83 -5.23
C TRP A 452 27.45 21.96 -4.94
N TRP A 453 27.03 22.96 -4.18
CA TRP A 453 27.90 24.05 -3.79
C TRP A 453 29.13 23.52 -3.06
N ARG A 454 28.91 22.70 -2.03
CA ARG A 454 30.01 22.12 -1.29
C ARG A 454 30.95 21.33 -2.20
N ASP A 455 30.40 20.48 -3.05
CA ASP A 455 31.22 19.52 -3.75
C ASP A 455 31.93 20.15 -4.95
N VAL A 456 31.31 21.15 -5.57
CA VAL A 456 31.66 21.55 -6.92
C VAL A 456 31.64 23.07 -7.02
N GLY A 457 30.52 23.67 -6.63
CA GLY A 457 30.33 25.10 -6.81
C GLY A 457 31.39 25.96 -6.13
N GLU A 458 31.71 25.60 -4.88
CA GLU A 458 32.68 26.34 -4.10
C GLU A 458 33.98 26.49 -4.89
N SER A 459 34.53 25.38 -5.42
CA SER A 459 35.82 25.43 -6.08
C SER A 459 35.70 25.96 -7.52
N ARG A 460 34.59 25.71 -8.19
CA ARG A 460 34.39 26.11 -9.58
C ARG A 460 34.01 27.60 -9.71
N ILE A 461 33.07 28.09 -8.88
CA ILE A 461 32.54 29.45 -8.97
C ILE A 461 33.10 30.30 -7.83
N GLY A 462 33.39 29.64 -6.69
CA GLY A 462 33.48 30.32 -5.41
C GLY A 462 34.61 31.33 -5.32
N SER A 463 35.63 31.24 -6.19
CA SER A 463 36.77 32.15 -6.12
C SER A 463 36.63 33.34 -7.07
N TYR A 464 36.03 33.14 -8.27
CA TYR A 464 35.87 34.21 -9.26
C TYR A 464 35.99 35.59 -8.60
N LYS B 18 -6.85 -41.81 -8.27
CA LYS B 18 -7.16 -42.66 -7.08
C LYS B 18 -6.00 -43.61 -6.76
N ALA B 19 -5.90 -43.99 -5.49
CA ALA B 19 -4.84 -44.87 -5.01
C ALA B 19 -5.16 -46.30 -5.42
N THR B 20 -4.14 -47.04 -5.88
CA THR B 20 -4.23 -48.48 -6.11
C THR B 20 -4.48 -49.23 -4.80
N LEU B 21 -3.72 -48.87 -3.77
CA LEU B 21 -3.89 -49.44 -2.45
C LEU B 21 -4.70 -48.49 -1.59
N LYS B 22 -5.91 -48.94 -1.21
CA LYS B 22 -6.83 -48.18 -0.40
C LYS B 22 -6.56 -48.50 1.07
N LEU B 23 -6.17 -47.48 1.85
CA LEU B 23 -5.85 -47.64 3.25
C LEU B 23 -7.06 -47.37 4.13
N HIS B 24 -7.06 -47.97 5.33
CA HIS B 24 -7.88 -47.47 6.43
C HIS B 24 -7.02 -46.52 7.28
N ILE B 25 -7.44 -45.24 7.31
CA ILE B 25 -6.65 -44.23 7.99
C ILE B 25 -7.40 -43.73 9.21
N LEU B 26 -6.73 -43.80 10.36
CA LEU B 26 -7.27 -43.28 11.60
C LEU B 26 -6.72 -41.87 11.85
N ILE B 27 -7.65 -40.91 11.99
CA ILE B 27 -7.32 -39.53 12.29
C ILE B 27 -7.79 -39.24 13.71
N VAL B 28 -6.86 -38.86 14.58
CA VAL B 28 -7.17 -38.49 15.95
C VAL B 28 -7.33 -36.97 16.00
N GLY B 29 -8.57 -36.52 16.24
CA GLY B 29 -8.88 -35.11 16.36
C GLY B 29 -9.72 -34.65 15.17
N CYS B 30 -10.84 -33.98 15.49
CA CYS B 30 -11.71 -33.38 14.48
C CYS B 30 -11.80 -31.86 14.70
N GLY B 31 -10.63 -31.23 14.77
CA GLY B 31 -10.49 -29.81 14.49
C GLY B 31 -10.32 -29.62 12.98
N MET B 32 -9.86 -28.44 12.58
CA MET B 32 -9.80 -28.08 11.17
C MET B 32 -8.77 -28.91 10.42
N GLY B 33 -7.67 -29.23 11.09
CA GLY B 33 -6.64 -30.10 10.52
C GLY B 33 -7.19 -31.47 10.17
N GLY B 34 -7.82 -32.11 11.16
CA GLY B 34 -8.50 -33.38 11.00
C GLY B 34 -9.47 -33.39 9.84
N LEU B 35 -10.37 -32.39 9.79
CA LEU B 35 -11.37 -32.33 8.74
C LEU B 35 -10.72 -32.26 7.36
N ALA B 36 -9.69 -31.40 7.22
CA ALA B 36 -9.04 -31.22 5.93
C ALA B 36 -8.33 -32.51 5.51
N ALA B 37 -7.66 -33.16 6.48
CA ALA B 37 -7.01 -34.43 6.21
C ALA B 37 -8.04 -35.47 5.78
N ALA B 38 -9.21 -35.48 6.42
CA ALA B 38 -10.23 -36.48 6.09
C ALA B 38 -10.71 -36.30 4.66
N TYR B 39 -10.94 -35.04 4.27
CA TYR B 39 -11.37 -34.73 2.93
C TYR B 39 -10.29 -35.10 1.91
N CYS B 40 -9.06 -34.60 2.15
CA CYS B 40 -7.97 -34.75 1.19
C CYS B 40 -7.58 -36.22 0.96
N LEU B 41 -7.62 -37.02 2.04
CA LEU B 41 -7.30 -38.44 1.94
C LEU B 41 -8.49 -39.26 1.43
N GLY B 42 -9.70 -38.93 1.87
CA GLY B 42 -10.89 -39.65 1.45
C GLY B 42 -11.11 -39.60 -0.07
N ARG B 43 -10.93 -38.40 -0.63
CA ARG B 43 -11.28 -38.18 -2.02
C ARG B 43 -10.34 -38.94 -2.96
N VAL B 44 -9.20 -39.45 -2.45
CA VAL B 44 -8.26 -40.18 -3.30
C VAL B 44 -8.36 -41.68 -3.03
N GLY B 45 -9.43 -42.12 -2.34
CA GLY B 45 -9.81 -43.53 -2.30
C GLY B 45 -9.67 -44.18 -0.92
N HIS B 46 -9.08 -43.49 0.05
CA HIS B 46 -8.79 -44.10 1.33
C HIS B 46 -10.03 -44.03 2.23
N LYS B 47 -10.19 -45.07 3.05
CA LYS B 47 -11.22 -45.07 4.08
C LYS B 47 -10.69 -44.31 5.30
N VAL B 48 -11.55 -43.47 5.87
CA VAL B 48 -11.14 -42.56 6.93
C VAL B 48 -12.09 -42.67 8.12
N THR B 49 -11.51 -42.86 9.30
CA THR B 49 -12.22 -42.81 10.55
C THR B 49 -11.60 -41.70 11.39
N VAL B 50 -12.44 -40.80 11.90
CA VAL B 50 -11.98 -39.71 12.74
C VAL B 50 -12.44 -39.99 14.17
N LEU B 51 -11.49 -39.97 15.10
CA LEU B 51 -11.73 -40.25 16.50
C LEU B 51 -11.57 -38.94 17.27
N GLU B 52 -12.68 -38.41 17.77
CA GLU B 52 -12.70 -37.14 18.48
C GLU B 52 -13.17 -37.40 19.91
N GLN B 53 -12.43 -36.85 20.89
CA GLN B 53 -12.69 -37.09 22.29
C GLN B 53 -13.94 -36.33 22.75
N ALA B 54 -14.17 -35.12 22.25
CA ALA B 54 -15.37 -34.38 22.58
C ALA B 54 -16.63 -35.07 22.04
N THR B 55 -17.77 -34.87 22.74
CA THR B 55 -19.03 -35.43 22.30
C THR B 55 -19.78 -34.47 21.37
N THR B 56 -19.21 -33.30 21.06
CA THR B 56 -19.68 -32.51 19.93
C THR B 56 -18.45 -32.04 19.15
N ILE B 57 -18.70 -31.49 17.95
CA ILE B 57 -17.69 -30.79 17.18
C ILE B 57 -18.12 -29.34 16.91
N GLY B 58 -17.14 -28.51 16.58
CA GLY B 58 -17.41 -27.12 16.31
C GLY B 58 -16.20 -26.29 16.74
N GLU B 59 -16.30 -24.98 16.49
CA GLU B 59 -15.18 -24.09 16.74
C GLU B 59 -15.59 -23.08 17.80
N VAL B 60 -14.58 -22.42 18.40
CA VAL B 60 -14.83 -21.35 19.32
C VAL B 60 -15.37 -20.12 18.58
N GLY B 61 -16.02 -19.25 19.37
CA GLY B 61 -16.56 -17.99 18.90
C GLY B 61 -15.43 -16.98 18.71
N ALA B 62 -14.80 -17.03 17.55
CA ALA B 62 -13.70 -16.13 17.26
C ALA B 62 -13.49 -16.03 15.76
N GLY B 63 -12.68 -15.02 15.38
CA GLY B 63 -12.33 -14.77 13.99
C GLY B 63 -11.11 -15.59 13.58
N ILE B 64 -10.97 -15.82 12.28
CA ILE B 64 -9.72 -16.31 11.75
C ILE B 64 -9.42 -15.61 10.42
N GLN B 65 -8.12 -15.40 10.14
CA GLN B 65 -7.65 -14.90 8.87
C GLN B 65 -7.14 -16.03 7.97
N ILE B 66 -7.64 -16.02 6.72
CA ILE B 66 -7.44 -17.09 5.76
C ILE B 66 -6.76 -16.53 4.52
N SER B 67 -5.48 -16.86 4.37
CA SER B 67 -4.59 -16.24 3.40
C SER B 67 -4.75 -16.91 2.04
N PRO B 68 -4.19 -16.37 0.94
CA PRO B 68 -4.36 -16.98 -0.37
C PRO B 68 -3.87 -18.41 -0.52
N ASN B 69 -2.85 -18.81 0.25
CA ASN B 69 -2.31 -20.16 0.15
C ASN B 69 -3.41 -21.16 0.54
N VAL B 70 -4.34 -20.71 1.40
CA VAL B 70 -5.42 -21.55 1.90
C VAL B 70 -6.62 -21.43 0.97
N SER B 71 -7.01 -20.19 0.68
CA SER B 71 -8.23 -19.96 -0.07
C SER B 71 -8.08 -20.40 -1.52
N ARG B 72 -6.86 -20.43 -2.07
CA ARG B 72 -6.61 -21.08 -3.35
C ARG B 72 -7.12 -22.52 -3.31
N LEU B 73 -6.90 -23.22 -2.18
CA LEU B 73 -7.25 -24.63 -2.05
C LEU B 73 -8.75 -24.79 -1.83
N LEU B 74 -9.33 -23.94 -0.98
CA LEU B 74 -10.76 -23.99 -0.78
C LEU B 74 -11.48 -23.75 -2.11
N ASP B 75 -11.01 -22.79 -2.91
CA ASP B 75 -11.55 -22.54 -4.23
C ASP B 75 -11.44 -23.80 -5.08
N ARG B 76 -10.25 -24.43 -5.06
CA ARG B 76 -10.00 -25.55 -5.94
C ARG B 76 -10.91 -26.73 -5.61
N TRP B 77 -11.21 -26.88 -4.31
CA TRP B 77 -11.99 -27.99 -3.74
C TRP B 77 -13.49 -27.72 -3.88
N GLY B 78 -13.86 -26.55 -4.39
CA GLY B 78 -15.22 -26.30 -4.81
C GLY B 78 -16.06 -25.62 -3.74
N VAL B 79 -15.45 -24.97 -2.73
CA VAL B 79 -16.23 -24.25 -1.73
C VAL B 79 -16.00 -22.74 -1.77
N GLY B 80 -15.40 -22.23 -2.85
CA GLY B 80 -15.10 -20.82 -2.96
C GLY B 80 -16.31 -19.91 -2.78
N GLU B 81 -17.46 -20.28 -3.37
CA GLU B 81 -18.66 -19.47 -3.30
C GLU B 81 -19.18 -19.39 -1.85
N ALA B 82 -19.21 -20.54 -1.17
CA ALA B 82 -19.62 -20.57 0.23
C ALA B 82 -18.74 -19.67 1.08
N VAL B 83 -17.41 -19.78 0.90
CA VAL B 83 -16.45 -18.99 1.64
C VAL B 83 -16.72 -17.51 1.40
N ARG B 84 -16.93 -17.15 0.13
CA ARG B 84 -17.10 -15.78 -0.30
C ARG B 84 -18.36 -15.20 0.32
N LYS B 85 -19.41 -16.02 0.45
CA LYS B 85 -20.67 -15.57 1.00
C LYS B 85 -20.56 -15.17 2.47
N VAL B 86 -19.72 -15.84 3.25
CA VAL B 86 -19.69 -15.62 4.68
C VAL B 86 -18.49 -14.76 5.08
N ALA B 87 -17.43 -14.69 4.25
CA ALA B 87 -16.20 -14.01 4.60
C ALA B 87 -16.31 -12.50 4.40
N ILE B 88 -15.45 -11.75 5.11
CA ILE B 88 -15.18 -10.34 4.81
C ILE B 88 -13.85 -10.32 4.06
N ARG B 89 -13.76 -9.44 3.06
CA ARG B 89 -12.55 -9.28 2.28
C ARG B 89 -11.88 -7.99 2.72
N PRO B 90 -10.93 -8.00 3.69
CA PRO B 90 -10.33 -6.73 4.13
C PRO B 90 -9.48 -6.04 3.05
N GLU B 91 -9.35 -4.73 3.18
CA GLU B 91 -8.66 -3.92 2.20
C GLU B 91 -7.17 -3.90 2.48
N GLY B 92 -6.82 -3.88 3.77
CA GLY B 92 -5.47 -3.67 4.19
C GLY B 92 -5.25 -4.11 5.63
N MET B 93 -3.98 -4.10 5.99
CA MET B 93 -3.53 -4.42 7.33
C MET B 93 -2.82 -3.19 7.87
N VAL B 94 -3.24 -2.73 9.06
CA VAL B 94 -2.86 -1.42 9.58
C VAL B 94 -2.29 -1.62 10.97
N PHE B 95 -1.05 -1.16 11.16
CA PHE B 95 -0.37 -1.25 12.45
C PHE B 95 -0.28 0.13 13.04
N ARG B 96 -0.58 0.21 14.35
CA ARG B 96 -0.78 1.47 15.04
C ARG B 96 0.00 1.52 16.36
N ARG B 97 0.33 2.72 16.80
CA ARG B 97 0.99 2.89 18.09
C ARG B 97 -0.06 2.82 19.20
N TYR B 98 0.30 2.16 20.31
CA TYR B 98 -0.61 1.84 21.40
C TYR B 98 -1.19 3.10 22.03
N THR B 99 -0.36 4.11 22.30
CA THR B 99 -0.85 5.24 23.07
C THR B 99 -1.83 6.12 22.30
N SER B 100 -1.61 6.30 20.98
CA SER B 100 -2.28 7.31 20.17
C SER B 100 -3.16 6.70 19.08
N GLY B 101 -2.89 5.46 18.65
CA GLY B 101 -3.57 4.88 17.51
C GLY B 101 -2.98 5.34 16.17
N GLU B 102 -1.89 6.09 16.22
CA GLU B 102 -1.20 6.60 15.04
C GLU B 102 -0.84 5.45 14.13
N VAL B 103 -1.20 5.53 12.86
CA VAL B 103 -0.85 4.47 11.92
C VAL B 103 0.66 4.56 11.63
N VAL B 104 1.38 3.46 11.85
CA VAL B 104 2.82 3.42 11.61
C VAL B 104 3.14 2.45 10.46
N GLY B 105 2.19 1.57 10.09
CA GLY B 105 2.40 0.69 8.95
C GLY B 105 1.09 0.33 8.24
N TYR B 106 1.20 0.03 6.94
CA TYR B 106 0.13 -0.46 6.10
C TYR B 106 0.68 -1.56 5.21
N ALA B 107 -0.09 -2.62 5.05
CA ALA B 107 0.14 -3.59 3.99
C ALA B 107 -1.16 -3.80 3.24
N ARG B 108 -1.14 -3.59 1.93
CA ARG B 108 -2.31 -3.76 1.10
C ARG B 108 -2.73 -5.23 1.09
N LEU B 109 -4.03 -5.50 1.25
CA LEU B 109 -4.58 -6.83 1.06
C LEU B 109 -5.34 -6.76 -0.26
N ALA B 110 -6.61 -7.18 -0.29
CA ALA B 110 -7.43 -6.92 -1.46
C ALA B 110 -6.73 -7.46 -2.71
N GLU B 111 -6.59 -6.65 -3.77
CA GLU B 111 -6.07 -7.13 -5.04
C GLU B 111 -4.59 -7.49 -4.96
N ARG B 112 -3.83 -6.93 -3.98
CA ARG B 112 -2.44 -7.28 -3.77
C ARG B 112 -2.32 -8.75 -3.39
N MET B 113 -3.28 -9.26 -2.59
CA MET B 113 -3.31 -10.64 -2.19
C MET B 113 -3.93 -11.52 -3.28
N GLU B 114 -4.92 -11.01 -4.02
CA GLU B 114 -5.53 -11.79 -5.10
C GLU B 114 -4.53 -12.03 -6.25
N ALA B 115 -3.48 -11.22 -6.32
CA ALA B 115 -2.44 -11.46 -7.30
C ALA B 115 -1.76 -12.81 -7.07
N PHE B 116 -1.84 -13.38 -5.87
CA PHE B 116 -1.34 -14.73 -5.64
C PHE B 116 -2.38 -15.80 -6.01
N GLY B 117 -3.53 -15.44 -6.57
CA GLY B 117 -4.42 -16.42 -7.18
C GLY B 117 -5.65 -16.75 -6.33
N ALA B 118 -5.82 -16.07 -5.18
CA ALA B 118 -7.00 -16.24 -4.36
C ALA B 118 -7.03 -15.15 -3.32
N PRO B 119 -8.20 -14.88 -2.71
CA PRO B 119 -8.33 -13.76 -1.76
C PRO B 119 -7.77 -14.01 -0.37
N TYR B 120 -7.57 -12.92 0.35
CA TYR B 120 -7.22 -12.93 1.76
C TYR B 120 -8.51 -12.55 2.52
N TYR B 121 -8.99 -13.50 3.30
CA TYR B 121 -10.30 -13.41 3.94
C TYR B 121 -10.20 -13.33 5.45
N HIS B 122 -11.21 -12.68 6.05
CA HIS B 122 -11.53 -12.70 7.45
C HIS B 122 -12.89 -13.37 7.61
N ILE B 123 -12.96 -14.38 8.50
CA ILE B 123 -14.11 -15.27 8.56
C ILE B 123 -14.28 -15.76 10.00
N HIS B 124 -15.51 -16.14 10.36
CA HIS B 124 -15.72 -16.70 11.69
C HIS B 124 -15.23 -18.16 11.64
N ARG B 125 -14.47 -18.55 12.68
CA ARG B 125 -13.99 -19.92 12.80
C ARG B 125 -15.10 -20.95 12.56
N ALA B 126 -16.33 -20.69 13.03
CA ALA B 126 -17.40 -21.66 12.91
C ALA B 126 -17.85 -21.81 11.46
N ASP B 127 -17.81 -20.70 10.71
CA ASP B 127 -18.22 -20.72 9.31
C ASP B 127 -17.19 -21.53 8.52
N LEU B 128 -15.91 -21.30 8.82
CA LEU B 128 -14.87 -22.06 8.17
C LEU B 128 -14.95 -23.55 8.53
N PHE B 129 -15.10 -23.86 9.81
CA PHE B 129 -15.21 -25.23 10.28
C PHE B 129 -16.37 -25.91 9.55
N ASN B 130 -17.53 -25.26 9.45
CA ASN B 130 -18.69 -25.90 8.84
C ASN B 130 -18.45 -26.21 7.37
N ILE B 131 -17.74 -25.31 6.70
CA ILE B 131 -17.42 -25.51 5.29
C ILE B 131 -16.46 -26.70 5.13
N LEU B 132 -15.48 -26.83 6.03
CA LEU B 132 -14.57 -27.97 5.99
C LEU B 132 -15.32 -29.26 6.30
N TYR B 133 -16.24 -29.18 7.26
CA TYR B 133 -17.04 -30.33 7.65
C TYR B 133 -17.85 -30.82 6.44
N SER B 134 -18.36 -29.89 5.62
CA SER B 134 -19.19 -30.26 4.48
C SER B 134 -18.38 -31.03 3.45
N LEU B 135 -17.08 -30.69 3.32
CA LEU B 135 -16.17 -31.38 2.41
C LEU B 135 -15.82 -32.76 2.92
N ALA B 136 -15.50 -32.87 4.22
CA ALA B 136 -15.02 -34.12 4.82
C ALA B 136 -16.15 -35.13 5.03
N ALA B 137 -17.35 -34.64 5.38
CA ALA B 137 -18.42 -35.49 5.89
C ALA B 137 -18.66 -36.71 5.02
N PRO B 138 -18.84 -36.62 3.67
CA PRO B 138 -19.08 -37.81 2.86
C PRO B 138 -17.93 -38.81 2.82
N TYR B 139 -16.74 -38.38 3.25
CA TYR B 139 -15.55 -39.21 3.18
C TYR B 139 -15.21 -39.86 4.52
N MET B 140 -15.81 -39.43 5.65
CA MET B 140 -15.33 -39.92 6.93
C MET B 140 -16.42 -40.62 7.73
N THR B 141 -15.99 -41.60 8.55
CA THR B 141 -16.76 -42.14 9.66
C THR B 141 -16.26 -41.43 10.92
N LEU B 142 -17.07 -40.51 11.45
CA LEU B 142 -16.71 -39.71 12.60
C LEU B 142 -17.25 -40.39 13.87
N ARG B 143 -16.37 -40.58 14.86
CA ARG B 143 -16.69 -41.19 16.15
C ARG B 143 -16.43 -40.15 17.21
N LEU B 144 -17.51 -39.68 17.86
CA LEU B 144 -17.40 -38.68 18.91
C LEU B 144 -17.34 -39.40 20.25
N GLY B 145 -16.85 -38.70 21.27
CA GLY B 145 -16.67 -39.30 22.59
C GLY B 145 -15.61 -40.40 22.59
N ALA B 146 -14.69 -40.36 21.61
CA ALA B 146 -13.66 -41.38 21.44
C ALA B 146 -12.30 -40.78 21.79
N THR B 147 -11.86 -41.04 23.03
CA THR B 147 -10.60 -40.52 23.52
C THR B 147 -9.51 -41.58 23.33
N VAL B 148 -8.56 -41.34 22.44
CA VAL B 148 -7.43 -42.25 22.30
C VAL B 148 -6.51 -42.06 23.50
N VAL B 149 -6.21 -43.17 24.22
CA VAL B 149 -5.34 -43.12 25.39
C VAL B 149 -4.04 -43.91 25.17
N SER B 150 -4.03 -44.89 24.25
CA SER B 150 -2.81 -45.61 23.93
C SER B 150 -2.76 -46.00 22.45
N VAL B 151 -1.57 -46.37 21.97
CA VAL B 151 -1.36 -46.69 20.58
C VAL B 151 -0.44 -47.89 20.47
N ASP B 152 -0.85 -48.86 19.66
CA ASP B 152 0.08 -49.84 19.15
C ASP B 152 0.69 -49.29 17.86
N THR B 153 1.97 -48.92 17.93
CA THR B 153 2.68 -48.34 16.80
C THR B 153 3.10 -49.35 15.72
N GLU B 154 2.93 -50.66 15.98
CA GLU B 154 3.40 -51.70 15.07
C GLU B 154 2.28 -52.13 14.15
N THR B 155 1.09 -52.39 14.72
CA THR B 155 -0.03 -53.00 14.01
C THR B 155 -0.52 -52.16 12.82
N PRO B 156 -0.84 -50.85 12.92
CA PRO B 156 -1.05 -50.14 14.19
C PRO B 156 -2.51 -50.13 14.65
N SER B 157 -2.73 -49.67 15.88
CA SER B 157 -4.06 -49.58 16.46
C SER B 157 -4.12 -48.41 17.43
N ALA B 158 -5.30 -47.79 17.50
CA ALA B 158 -5.58 -46.78 18.50
C ALA B 158 -6.49 -47.40 19.54
N ILE B 159 -6.15 -47.23 20.82
CA ILE B 159 -6.99 -47.79 21.85
C ILE B 159 -7.66 -46.65 22.62
N LEU B 160 -9.00 -46.76 22.76
CA LEU B 160 -9.81 -45.72 23.38
C LEU B 160 -9.78 -45.84 24.90
N ALA B 161 -10.27 -44.80 25.59
CA ALA B 161 -10.32 -44.78 27.05
C ALA B 161 -11.22 -45.90 27.56
N THR B 162 -12.15 -46.36 26.72
CA THR B 162 -13.07 -47.43 27.05
C THR B 162 -12.36 -48.77 26.94
N GLY B 163 -11.22 -48.81 26.24
CA GLY B 163 -10.51 -50.06 26.03
C GLY B 163 -10.71 -50.61 24.62
N GLU B 164 -11.70 -50.08 23.90
CA GLU B 164 -11.95 -50.50 22.53
C GLU B 164 -10.70 -50.29 21.69
N VAL B 165 -10.35 -51.33 20.90
CA VAL B 165 -9.22 -51.25 19.98
C VAL B 165 -9.74 -50.93 18.58
N VAL B 166 -9.12 -49.92 17.94
CA VAL B 166 -9.50 -49.49 16.60
C VAL B 166 -8.32 -49.76 15.66
N HIS B 167 -8.53 -50.69 14.72
CA HIS B 167 -7.49 -51.10 13.80
C HIS B 167 -7.51 -50.19 12.59
N GLY B 168 -6.31 -49.90 12.07
CA GLY B 168 -6.15 -49.34 10.74
C GLY B 168 -4.77 -49.63 10.20
N ASP B 169 -4.45 -49.00 9.07
CA ASP B 169 -3.15 -49.12 8.42
C ASP B 169 -2.24 -47.96 8.80
N LEU B 170 -2.85 -46.82 9.19
CA LEU B 170 -2.08 -45.60 9.46
C LEU B 170 -2.86 -44.73 10.45
N ILE B 171 -2.11 -44.08 11.35
CA ILE B 171 -2.66 -43.15 12.32
C ILE B 171 -2.05 -41.76 12.10
N ILE B 172 -2.92 -40.76 11.98
CA ILE B 172 -2.49 -39.37 11.97
C ILE B 172 -2.96 -38.67 13.25
N GLY B 173 -1.98 -38.14 13.99
CA GLY B 173 -2.27 -37.26 15.12
C GLY B 173 -2.63 -35.85 14.66
N ALA B 174 -3.93 -35.55 14.58
CA ALA B 174 -4.41 -34.19 14.35
C ALA B 174 -5.05 -33.68 15.65
N ASP B 175 -4.39 -33.99 16.77
CA ASP B 175 -4.99 -33.95 18.09
C ASP B 175 -4.47 -32.74 18.88
N GLY B 176 -3.98 -31.72 18.15
CA GLY B 176 -3.87 -30.37 18.65
C GLY B 176 -2.60 -30.13 19.46
N VAL B 177 -2.58 -28.98 20.13
CA VAL B 177 -1.39 -28.48 20.80
C VAL B 177 -0.94 -29.43 21.93
N LYS B 178 -1.87 -30.13 22.59
CA LYS B 178 -1.54 -31.08 23.64
C LYS B 178 -1.64 -32.52 23.11
N SER B 179 -1.31 -32.69 21.84
CA SER B 179 -1.27 -33.98 21.17
C SER B 179 -0.69 -35.07 22.07
N PHE B 180 -1.47 -36.15 22.21
CA PHE B 180 -0.98 -37.41 22.75
C PHE B 180 -0.14 -38.16 21.71
N ILE B 181 -0.56 -38.12 20.44
CA ILE B 181 0.09 -38.88 19.38
C ILE B 181 1.52 -38.33 19.18
N GLN B 182 1.73 -37.04 19.39
CA GLN B 182 3.09 -36.49 19.33
C GLN B 182 3.99 -37.17 20.35
N ARG B 183 3.44 -37.49 21.54
CA ARG B 183 4.22 -38.14 22.58
C ARG B 183 4.55 -39.56 22.15
N VAL B 184 3.59 -40.23 21.49
CA VAL B 184 3.83 -41.54 20.88
C VAL B 184 4.98 -41.48 19.87
N VAL B 185 4.88 -40.54 18.92
CA VAL B 185 5.79 -40.42 17.80
C VAL B 185 7.22 -40.17 18.30
N LEU B 186 7.38 -39.28 19.30
CA LEU B 186 8.70 -38.88 19.79
C LEU B 186 9.15 -39.83 20.91
N GLY B 187 8.22 -40.66 21.43
CA GLY B 187 8.56 -41.72 22.35
C GLY B 187 8.99 -41.24 23.74
N LYS B 188 8.63 -40.02 24.16
CA LYS B 188 9.04 -39.56 25.48
C LYS B 188 8.20 -38.37 25.93
N PRO B 189 8.03 -38.18 27.26
CA PRO B 189 6.85 -37.55 27.86
C PRO B 189 6.43 -36.14 27.38
N GLY B 196 4.80 -17.93 27.85
CA GLY B 196 4.73 -16.75 28.70
C GLY B 196 3.77 -15.70 28.16
N ASP B 197 3.17 -15.92 26.98
CA ASP B 197 2.12 -15.06 26.45
C ASP B 197 0.76 -15.76 26.53
N ALA B 198 -0.28 -14.93 26.72
CA ALA B 198 -1.67 -15.35 26.64
C ALA B 198 -2.46 -14.32 25.85
N VAL B 199 -3.66 -14.71 25.41
CA VAL B 199 -4.57 -13.77 24.78
C VAL B 199 -5.91 -13.78 25.51
N TYR B 200 -6.49 -12.59 25.56
CA TYR B 200 -7.93 -12.48 25.67
C TYR B 200 -8.54 -12.49 24.26
N ARG B 201 -9.64 -13.24 24.10
CA ARG B 201 -10.35 -13.35 22.84
C ARG B 201 -11.77 -12.87 23.06
N ALA B 202 -12.21 -11.87 22.27
CA ALA B 202 -13.55 -11.32 22.40
C ALA B 202 -14.13 -11.01 21.03
N ILE B 203 -15.48 -10.99 21.01
CA ILE B 203 -16.26 -10.48 19.89
C ILE B 203 -17.11 -9.33 20.43
N ILE B 204 -17.20 -8.22 19.70
CA ILE B 204 -18.14 -7.17 20.06
C ILE B 204 -19.11 -6.92 18.90
N PRO B 205 -20.29 -6.33 19.21
CA PRO B 205 -21.30 -6.00 18.21
C PRO B 205 -20.91 -4.75 17.41
N THR B 206 -21.00 -4.85 16.08
CA THR B 206 -20.62 -3.76 15.21
C THR B 206 -21.60 -2.60 15.36
N ALA B 207 -22.81 -2.89 15.85
CA ALA B 207 -23.78 -1.83 16.05
C ALA B 207 -23.22 -0.75 16.98
N LEU B 208 -22.48 -1.15 18.01
CA LEU B 208 -22.02 -0.19 19.02
C LEU B 208 -20.92 0.69 18.45
N MET B 209 -20.19 0.13 17.47
CA MET B 209 -19.13 0.86 16.82
C MET B 209 -19.73 1.83 15.80
N ARG B 210 -20.74 1.36 15.07
CA ARG B 210 -21.39 2.14 14.03
C ARG B 210 -22.00 3.39 14.64
N ALA B 211 -22.44 3.29 15.91
CA ALA B 211 -23.10 4.37 16.62
C ALA B 211 -22.13 5.47 17.04
N ASP B 212 -20.81 5.24 16.97
CA ASP B 212 -19.85 6.24 17.39
C ASP B 212 -19.12 6.73 16.14
N PRO B 213 -19.14 8.02 15.79
CA PRO B 213 -18.45 8.50 14.57
C PRO B 213 -16.95 8.16 14.53
N GLU B 214 -16.27 8.09 15.68
CA GLU B 214 -14.86 7.72 15.71
C GLU B 214 -14.61 6.25 15.42
N LEU B 215 -15.60 5.37 15.63
CA LEU B 215 -15.37 3.93 15.57
C LEU B 215 -16.00 3.35 14.31
N ARG B 216 -16.98 4.05 13.76
CA ARG B 216 -17.67 3.58 12.57
C ARG B 216 -16.69 3.28 11.42
N PRO B 217 -15.63 4.07 11.15
CA PRO B 217 -14.69 3.77 10.05
C PRO B 217 -14.09 2.37 10.14
N PHE B 218 -13.90 1.86 11.37
CA PHE B 218 -13.35 0.53 11.57
C PHE B 218 -14.29 -0.53 11.06
N VAL B 219 -15.57 -0.18 10.93
CA VAL B 219 -16.55 -1.14 10.47
C VAL B 219 -16.67 -0.98 8.96
N ASP B 220 -16.75 0.28 8.54
CA ASP B 220 -17.12 0.62 7.17
C ASP B 220 -15.93 0.37 6.24
N THR B 221 -14.69 0.51 6.72
CA THR B 221 -13.51 0.14 5.93
C THR B 221 -12.79 -1.05 6.57
N PRO B 222 -13.19 -2.29 6.18
CA PRO B 222 -12.67 -3.50 6.80
C PRO B 222 -11.17 -3.63 6.64
N GLU B 223 -10.47 -3.56 7.79
CA GLU B 223 -9.03 -3.79 7.85
C GLU B 223 -8.73 -4.76 8.99
N MET B 224 -7.51 -5.30 8.94
CA MET B 224 -6.89 -5.95 10.07
C MET B 224 -6.11 -4.87 10.81
N THR B 225 -6.60 -4.43 11.98
CA THR B 225 -5.92 -3.39 12.73
C THR B 225 -5.13 -4.02 13.89
N GLY B 226 -3.85 -3.65 13.97
CA GLY B 226 -2.96 -4.11 15.02
C GLY B 226 -2.40 -2.94 15.83
N TRP B 227 -2.73 -2.89 17.14
CA TRP B 227 -2.13 -1.87 18.01
C TRP B 227 -1.00 -2.51 18.78
N MET B 228 0.19 -1.91 18.72
CA MET B 228 1.42 -2.50 19.23
C MET B 228 1.89 -1.66 20.43
N GLY B 229 2.18 -2.34 21.53
CA GLY B 229 2.67 -1.68 22.73
C GLY B 229 3.64 -2.54 23.53
N PRO B 230 4.21 -2.01 24.63
CA PRO B 230 5.16 -2.75 25.46
C PRO B 230 4.53 -4.04 25.96
N GLN B 231 5.05 -5.17 25.47
CA GLN B 231 4.73 -6.53 25.89
C GLN B 231 3.33 -6.98 25.50
N ARG B 232 2.61 -6.16 24.73
CA ARG B 232 1.20 -6.43 24.48
C ARG B 232 0.85 -5.92 23.08
N HIS B 233 -0.08 -6.61 22.43
CA HIS B 233 -0.69 -6.02 21.25
C HIS B 233 -2.12 -6.53 21.09
N ILE B 234 -2.88 -5.77 20.33
CA ILE B 234 -4.25 -6.09 20.01
C ILE B 234 -4.37 -6.22 18.50
N MET B 235 -5.09 -7.24 18.07
CA MET B 235 -5.50 -7.37 16.68
C MET B 235 -7.02 -7.34 16.64
N ALA B 236 -7.58 -6.63 15.65
CA ALA B 236 -9.01 -6.58 15.51
C ALA B 236 -9.45 -6.45 14.05
N TYR B 237 -10.58 -7.09 13.75
CA TYR B 237 -11.13 -7.08 12.41
C TYR B 237 -12.57 -7.61 12.43
N ASN B 238 -13.37 -7.10 11.49
CA ASN B 238 -14.70 -7.57 11.18
C ASN B 238 -14.66 -9.00 10.64
N ILE B 239 -15.62 -9.84 11.09
CA ILE B 239 -15.69 -11.23 10.63
C ILE B 239 -17.07 -11.58 10.07
N ARG B 240 -18.10 -10.84 10.47
CA ARG B 240 -19.44 -11.01 9.97
C ARG B 240 -20.10 -9.64 10.02
N ALA B 241 -21.33 -9.57 9.52
CA ALA B 241 -22.07 -8.32 9.47
C ALA B 241 -22.10 -7.69 10.87
N GLU B 242 -22.34 -8.53 11.89
CA GLU B 242 -22.69 -8.01 13.21
C GLU B 242 -21.51 -8.03 14.17
N GLU B 243 -20.35 -8.57 13.76
CA GLU B 243 -19.34 -8.97 14.71
C GLU B 243 -17.95 -8.48 14.34
N TYR B 244 -17.29 -7.94 15.36
CA TYR B 244 -15.91 -7.47 15.30
C TYR B 244 -15.06 -8.28 16.28
N ASN B 245 -14.05 -8.95 15.73
CA ASN B 245 -13.16 -9.85 16.43
C ASN B 245 -12.02 -9.06 17.06
N ILE B 246 -11.70 -9.34 18.32
CA ILE B 246 -10.60 -8.65 19.01
C ILE B 246 -9.78 -9.66 19.81
N VAL B 247 -8.45 -9.53 19.72
CA VAL B 247 -7.54 -10.47 20.35
C VAL B 247 -6.42 -9.67 20.99
N LEU B 248 -6.22 -9.86 22.29
CA LEU B 248 -5.31 -9.04 23.07
C LEU B 248 -4.24 -9.93 23.69
N ALA B 249 -3.00 -9.77 23.21
CA ALA B 249 -1.86 -10.56 23.66
C ALA B 249 -1.16 -9.79 24.76
N HIS B 250 -0.72 -10.52 25.78
CA HIS B 250 -0.21 -9.92 27.00
C HIS B 250 0.60 -10.97 27.75
N PRO B 251 1.51 -10.57 28.68
CA PRO B 251 2.27 -11.53 29.50
C PRO B 251 1.33 -12.40 30.34
N ASP B 252 1.55 -13.71 30.27
CA ASP B 252 0.82 -14.69 31.04
C ASP B 252 1.58 -14.88 32.35
N ASP B 253 0.99 -14.58 33.51
CA ASP B 253 1.72 -14.76 34.75
C ASP B 253 1.63 -16.20 35.32
N GLY B 254 0.86 -17.10 34.67
CA GLY B 254 0.94 -18.53 34.90
C GLY B 254 0.46 -18.95 36.28
N ALA B 261 -10.86 -21.11 29.11
CA ALA B 261 -11.22 -20.39 30.35
C ALA B 261 -11.93 -19.08 30.02
N GLU B 262 -13.10 -18.83 30.62
CA GLU B 262 -13.72 -17.51 30.64
C GLU B 262 -12.86 -16.58 31.48
N GLY B 263 -12.43 -15.46 30.90
CA GLY B 263 -11.59 -14.50 31.60
C GLY B 263 -12.41 -13.30 32.10
N SER B 264 -11.75 -12.44 32.89
CA SER B 264 -12.37 -11.21 33.34
C SER B 264 -12.15 -10.14 32.26
N ALA B 265 -13.28 -9.66 31.71
CA ALA B 265 -13.26 -8.50 30.85
C ALA B 265 -12.69 -7.31 31.62
N ASP B 266 -12.91 -7.28 32.95
CA ASP B 266 -12.38 -6.23 33.80
C ASP B 266 -10.85 -6.21 33.83
N LYS B 267 -10.25 -7.39 33.95
CA LYS B 267 -8.82 -7.54 34.03
C LYS B 267 -8.19 -7.18 32.68
N MET B 268 -8.82 -7.63 31.60
CA MET B 268 -8.41 -7.25 30.26
C MET B 268 -8.37 -5.72 30.12
N ARG B 269 -9.46 -5.03 30.49
CA ARG B 269 -9.49 -3.58 30.35
C ARG B 269 -8.37 -2.95 31.18
N SER B 270 -8.20 -3.49 32.39
CA SER B 270 -7.14 -3.03 33.27
C SER B 270 -5.76 -3.19 32.63
N ASP B 271 -5.51 -4.37 32.02
CA ASP B 271 -4.22 -4.68 31.41
C ASP B 271 -3.90 -3.76 30.23
N PHE B 272 -4.93 -3.17 29.56
CA PHE B 272 -4.73 -2.36 28.37
C PHE B 272 -5.19 -0.92 28.56
N ALA B 273 -5.19 -0.47 29.83
CA ALA B 273 -5.69 0.83 30.22
C ALA B 273 -4.85 1.95 29.60
N ASP B 274 -3.63 1.65 29.13
CA ASP B 274 -2.75 2.70 28.62
C ASP B 274 -2.88 2.86 27.10
N PHE B 275 -3.73 2.04 26.45
CA PHE B 275 -3.93 2.10 25.01
C PHE B 275 -4.89 3.24 24.70
N GLU B 276 -4.85 3.70 23.43
CA GLU B 276 -5.49 4.92 22.96
C GLU B 276 -7.00 4.91 23.23
N PRO B 277 -7.63 6.12 23.32
CA PRO B 277 -9.03 6.24 23.69
C PRO B 277 -10.02 5.44 22.83
N ARG B 278 -9.76 5.26 21.51
CA ARG B 278 -10.67 4.46 20.69
C ARG B 278 -10.65 3.01 21.14
N VAL B 279 -9.47 2.53 21.54
CA VAL B 279 -9.33 1.17 22.07
C VAL B 279 -10.11 1.03 23.39
N GLN B 280 -10.08 2.07 24.24
CA GLN B 280 -10.80 2.02 25.52
C GLN B 280 -12.29 1.83 25.27
N LYS B 281 -12.80 2.54 24.26
CA LYS B 281 -14.20 2.38 23.87
C LYS B 281 -14.50 0.97 23.41
N LEU B 282 -13.69 0.45 22.48
CA LEU B 282 -13.90 -0.90 21.97
C LEU B 282 -13.92 -1.89 23.14
N LEU B 283 -12.98 -1.76 24.09
CA LEU B 283 -12.90 -2.71 25.20
C LEU B 283 -14.04 -2.50 26.21
N SER B 284 -14.58 -1.27 26.30
CA SER B 284 -15.72 -1.01 27.17
C SER B 284 -16.95 -1.77 26.65
N PHE B 285 -16.93 -2.17 25.36
CA PHE B 285 -18.05 -2.91 24.77
C PHE B 285 -17.96 -4.41 25.02
N VAL B 286 -16.82 -4.91 25.53
CA VAL B 286 -16.64 -6.35 25.74
C VAL B 286 -17.35 -6.80 27.04
N LYS B 287 -18.27 -7.76 26.89
CA LYS B 287 -19.03 -8.31 27.99
C LYS B 287 -18.25 -9.45 28.63
N SER B 288 -17.68 -10.31 27.79
CA SER B 288 -16.86 -11.41 28.28
C SER B 288 -15.75 -11.71 27.28
N THR B 289 -14.81 -12.53 27.75
CA THR B 289 -13.56 -12.80 27.05
C THR B 289 -13.18 -14.25 27.34
N LEU B 290 -12.63 -14.96 26.34
CA LEU B 290 -11.91 -16.22 26.53
C LEU B 290 -10.47 -15.89 26.89
N LYS B 291 -9.95 -16.48 27.97
CA LYS B 291 -8.54 -16.36 28.28
C LYS B 291 -7.88 -17.60 27.68
N TRP B 292 -6.77 -17.44 26.95
CA TRP B 292 -6.24 -18.55 26.18
C TRP B 292 -4.71 -18.52 26.26
N ARG B 293 -4.12 -19.63 26.70
CA ARG B 293 -2.69 -19.65 26.88
C ARG B 293 -2.07 -20.08 25.55
N LEU B 294 -0.97 -19.42 25.18
CA LEU B 294 -0.34 -19.66 23.88
C LEU B 294 0.90 -20.49 24.14
N MET B 295 1.02 -21.59 23.41
CA MET B 295 2.27 -22.34 23.48
C MET B 295 3.09 -22.23 22.18
N ASP B 296 4.39 -21.95 22.32
CA ASP B 296 5.36 -22.02 21.24
C ASP B 296 6.30 -23.21 21.47
N ARG B 297 6.50 -23.98 20.40
CA ARG B 297 7.35 -25.15 20.42
C ARG B 297 8.44 -24.99 19.38
N GLN B 298 9.66 -25.40 19.75
CA GLN B 298 10.69 -25.59 18.76
C GLN B 298 10.17 -26.63 17.76
N PRO B 299 10.60 -26.55 16.49
CA PRO B 299 10.27 -27.60 15.53
C PRO B 299 10.67 -28.98 16.04
N LEU B 300 9.87 -30.00 15.71
CA LEU B 300 10.22 -31.37 16.05
C LEU B 300 11.37 -31.88 15.16
N GLU B 301 12.10 -32.88 15.69
CA GLU B 301 13.16 -33.53 14.92
C GLU B 301 12.53 -34.42 13.86
N THR B 302 11.33 -34.95 14.13
CA THR B 302 10.63 -35.78 13.16
C THR B 302 9.15 -35.78 13.49
N TRP B 303 8.34 -36.09 12.45
CA TRP B 303 6.90 -36.20 12.53
C TRP B 303 6.46 -37.64 12.31
N VAL B 304 7.43 -38.54 12.13
CA VAL B 304 7.14 -39.94 11.82
C VAL B 304 7.68 -40.83 12.94
N HIS B 305 6.81 -41.67 13.48
CA HIS B 305 7.26 -42.76 14.33
C HIS B 305 8.12 -43.71 13.49
N PRO B 306 9.28 -44.21 14.02
CA PRO B 306 10.25 -44.94 13.20
C PRO B 306 9.71 -46.16 12.45
N ALA B 307 8.67 -46.79 13.01
CA ALA B 307 8.01 -47.94 12.41
C ALA B 307 7.17 -47.56 11.18
N GLY B 308 6.92 -46.26 10.95
CA GLY B 308 6.26 -45.80 9.74
C GLY B 308 4.75 -46.13 9.66
N ARG B 309 4.07 -46.10 10.82
CA ARG B 309 2.63 -46.30 10.85
C ARG B 309 1.91 -45.16 11.57
N VAL B 310 2.66 -44.15 12.03
CA VAL B 310 2.10 -43.02 12.78
C VAL B 310 2.80 -41.72 12.38
N THR B 311 2.00 -40.68 12.13
CA THR B 311 2.52 -39.34 11.86
C THR B 311 1.59 -38.30 12.50
N LEU B 312 1.89 -37.01 12.21
CA LEU B 312 1.27 -35.88 12.88
C LEU B 312 0.84 -34.83 11.84
N LEU B 313 -0.02 -33.90 12.26
CA LEU B 313 -0.50 -32.84 11.40
C LEU B 313 -1.02 -31.68 12.25
N GLY B 314 -0.91 -30.45 11.75
CA GLY B 314 -1.48 -29.31 12.44
C GLY B 314 -0.74 -28.94 13.72
N ASP B 315 -1.52 -28.54 14.73
CA ASP B 315 -0.96 -28.07 15.99
C ASP B 315 -0.25 -29.23 16.71
N ALA B 316 -0.59 -30.48 16.36
CA ALA B 316 0.10 -31.65 16.88
C ALA B 316 1.60 -31.68 16.49
N CYS B 317 2.02 -30.93 15.46
CA CYS B 317 3.45 -30.96 15.17
C CYS B 317 4.12 -29.59 14.96
N HIS B 318 3.34 -28.49 14.83
CA HIS B 318 3.92 -27.16 14.62
C HIS B 318 3.02 -26.08 15.21
N ALA B 319 2.56 -26.31 16.45
CA ALA B 319 1.93 -25.28 17.26
C ALA B 319 2.86 -24.08 17.36
N MET B 320 2.32 -22.88 17.05
CA MET B 320 3.11 -21.66 17.00
C MET B 320 2.34 -20.55 17.72
N LEU B 321 3.05 -19.55 18.22
CA LEU B 321 2.43 -18.29 18.57
C LEU B 321 1.55 -17.89 17.37
N PRO B 322 0.33 -17.35 17.58
CA PRO B 322 -0.57 -17.01 16.47
C PRO B 322 -0.26 -15.66 15.78
N TYR B 323 0.95 -15.15 15.98
CA TYR B 323 1.29 -13.79 15.59
C TYR B 323 1.60 -13.65 14.09
N ARG B 324 1.53 -14.75 13.32
CA ARG B 324 1.72 -14.74 11.88
C ARG B 324 0.44 -15.20 11.17
N ALA B 325 -0.62 -15.53 11.92
CA ALA B 325 -1.93 -15.89 11.41
C ALA B 325 -1.82 -16.96 10.32
N GLN B 326 -1.18 -18.11 10.63
CA GLN B 326 -0.94 -19.15 9.65
C GLN B 326 -1.07 -20.57 10.23
N GLY B 327 -1.49 -20.72 11.51
CA GLY B 327 -1.61 -22.03 12.14
C GLY B 327 -2.53 -23.01 11.39
N ALA B 328 -3.75 -22.57 11.11
CA ALA B 328 -4.71 -23.41 10.42
C ALA B 328 -4.29 -23.54 8.97
N ALA B 329 -3.72 -22.48 8.38
CA ALA B 329 -3.18 -22.58 7.02
C ALA B 329 -2.20 -23.75 6.91
N MET B 330 -1.32 -23.87 7.92
CA MET B 330 -0.28 -24.89 7.91
C MET B 330 -0.91 -26.28 8.06
N ALA B 331 -1.90 -26.40 8.95
CA ALA B 331 -2.63 -27.66 9.09
C ALA B 331 -3.31 -28.08 7.79
N ILE B 332 -3.91 -27.13 7.07
CA ILE B 332 -4.68 -27.43 5.87
C ILE B 332 -3.73 -27.78 4.74
N GLU B 333 -2.64 -27.02 4.65
CA GLU B 333 -1.57 -27.34 3.73
C GLU B 333 -1.02 -28.73 4.01
N ASP B 334 -0.84 -29.07 5.31
CA ASP B 334 -0.32 -30.38 5.72
C ASP B 334 -1.19 -31.46 5.08
N ALA B 335 -2.51 -31.29 5.26
CA ALA B 335 -3.52 -32.20 4.74
C ALA B 335 -3.47 -32.30 3.21
N ALA B 336 -3.34 -31.17 2.54
CA ALA B 336 -3.40 -31.14 1.09
C ALA B 336 -2.22 -31.90 0.48
N VAL B 337 -1.04 -31.80 1.12
CA VAL B 337 0.15 -32.51 0.66
C VAL B 337 -0.05 -34.01 0.88
N LEU B 338 -0.55 -34.41 2.06
CA LEU B 338 -0.91 -35.81 2.31
C LEU B 338 -1.80 -36.34 1.19
N GLY B 339 -2.85 -35.62 0.82
CA GLY B 339 -3.77 -36.08 -0.22
C GLY B 339 -3.07 -36.39 -1.55
N VAL B 340 -2.17 -35.48 -1.97
CA VAL B 340 -1.47 -35.62 -3.23
C VAL B 340 -0.55 -36.84 -3.16
N LEU B 341 0.27 -36.92 -2.10
CA LEU B 341 1.21 -38.02 -1.95
C LEU B 341 0.47 -39.35 -1.96
N PHE B 342 -0.61 -39.45 -1.16
CA PHE B 342 -1.27 -40.72 -0.91
C PHE B 342 -2.29 -41.08 -1.99
N ALA B 343 -2.43 -40.26 -3.05
CA ALA B 343 -3.16 -40.70 -4.23
C ALA B 343 -2.32 -41.72 -4.99
N HIS B 344 -1.01 -41.71 -4.75
CA HIS B 344 -0.06 -42.50 -5.52
C HIS B 344 0.30 -43.85 -4.88
N ILE B 345 -0.15 -44.15 -3.65
CA ILE B 345 0.27 -45.39 -3.01
C ILE B 345 -0.36 -46.60 -3.70
N SER B 346 0.50 -47.58 -4.03
CA SER B 346 0.10 -48.86 -4.60
C SER B 346 0.65 -50.06 -3.82
N ASP B 347 1.51 -49.83 -2.81
CA ASP B 347 2.17 -50.90 -2.08
C ASP B 347 2.48 -50.44 -0.65
N ILE B 348 2.23 -51.33 0.31
CA ILE B 348 2.36 -50.98 1.72
C ILE B 348 3.82 -50.63 2.07
N ALA B 349 4.79 -51.12 1.29
CA ALA B 349 6.20 -50.81 1.50
C ALA B 349 6.50 -49.33 1.28
N GLN B 350 5.65 -48.63 0.53
CA GLN B 350 5.83 -47.22 0.20
C GLN B 350 5.39 -46.31 1.35
N LEU B 351 4.62 -46.85 2.30
CA LEU B 351 3.97 -46.02 3.31
C LEU B 351 4.99 -45.23 4.13
N LYS B 352 6.04 -45.89 4.62
CA LYS B 352 6.99 -45.24 5.51
C LYS B 352 7.72 -44.13 4.75
N PRO B 353 8.28 -44.42 3.54
CA PRO B 353 8.92 -43.37 2.73
C PRO B 353 8.02 -42.17 2.37
N LEU B 354 6.72 -42.44 2.16
CA LEU B 354 5.75 -41.38 1.91
C LEU B 354 5.61 -40.47 3.13
N LEU B 355 5.62 -41.03 4.34
CA LEU B 355 5.51 -40.22 5.54
C LEU B 355 6.74 -39.33 5.66
N TYR B 356 7.91 -39.85 5.29
CA TYR B 356 9.12 -39.05 5.31
C TYR B 356 9.11 -37.99 4.21
N ALA B 357 8.49 -38.28 3.06
CA ALA B 357 8.32 -37.31 1.99
C ALA B 357 7.41 -36.16 2.45
N TYR B 358 6.30 -36.50 3.09
CA TYR B 358 5.41 -35.54 3.74
C TYR B 358 6.21 -34.65 4.70
N GLU B 359 6.99 -35.27 5.58
CA GLU B 359 7.74 -34.52 6.57
C GLU B 359 8.73 -33.58 5.88
N GLU B 360 9.44 -34.10 4.88
CA GLU B 360 10.41 -33.36 4.09
C GLU B 360 9.79 -32.13 3.44
N LEU B 361 8.56 -32.28 2.94
CA LEU B 361 7.89 -31.20 2.24
C LEU B 361 7.35 -30.15 3.22
N ARG B 362 7.07 -30.52 4.47
CA ARG B 362 6.28 -29.68 5.35
C ARG B 362 7.09 -29.08 6.52
N LEU B 363 8.09 -29.81 7.02
CA LEU B 363 8.75 -29.40 8.26
C LEU B 363 9.42 -28.04 8.05
N PRO B 364 10.21 -27.81 6.97
CA PRO B 364 10.94 -26.55 6.86
C PRO B 364 10.02 -25.32 6.74
N ARG B 365 8.94 -25.44 5.96
CA ARG B 365 8.01 -24.33 5.77
C ARG B 365 7.33 -23.98 7.10
N THR B 366 6.83 -25.00 7.82
CA THR B 366 6.13 -24.77 9.08
C THR B 366 7.10 -24.18 10.12
N ALA B 367 8.36 -24.60 10.09
CA ALA B 367 9.34 -24.10 11.04
C ALA B 367 9.66 -22.65 10.75
N ARG B 368 9.78 -22.32 9.46
CA ARG B 368 10.02 -20.93 9.08
C ARG B 368 8.83 -20.08 9.53
N THR B 369 7.62 -20.64 9.36
CA THR B 369 6.40 -19.95 9.72
C THR B 369 6.34 -19.71 11.24
N GLN B 370 6.62 -20.74 12.04
CA GLN B 370 6.73 -20.63 13.49
C GLN B 370 7.72 -19.52 13.83
N GLY B 371 8.83 -19.48 13.07
CA GLY B 371 9.90 -18.51 13.26
C GLY B 371 9.43 -17.08 13.02
N ASP B 372 8.62 -16.87 11.97
CA ASP B 372 8.08 -15.56 11.65
C ASP B 372 7.13 -15.10 12.76
N ALA B 373 6.41 -16.05 13.38
CA ALA B 373 5.51 -15.73 14.46
C ALA B 373 6.30 -15.28 15.68
N ARG B 374 7.42 -15.96 15.96
CA ARG B 374 8.33 -15.55 17.03
C ARG B 374 8.88 -14.15 16.78
N SER B 375 9.28 -13.87 15.54
CA SER B 375 9.84 -12.57 15.23
C SER B 375 8.79 -11.46 15.45
N ASN B 376 7.51 -11.77 15.16
CA ASN B 376 6.44 -10.81 15.37
C ASN B 376 6.18 -10.53 16.85
N GLN B 377 6.29 -11.56 17.69
CA GLN B 377 6.23 -11.36 19.13
C GLN B 377 7.16 -10.24 19.55
N LYS B 378 8.42 -10.32 19.08
CA LYS B 378 9.41 -9.31 19.43
C LYS B 378 9.00 -7.94 18.90
N THR B 379 8.70 -7.88 17.60
CA THR B 379 8.41 -6.64 16.86
C THR B 379 7.21 -5.93 17.49
N PHE B 380 6.13 -6.69 17.74
CA PHE B 380 4.87 -6.15 18.22
C PHE B 380 4.93 -5.66 19.66
N HIS B 381 5.86 -6.24 20.46
CA HIS B 381 5.86 -6.04 21.89
C HIS B 381 7.00 -5.13 22.36
N LEU B 382 7.68 -4.44 21.43
CA LEU B 382 8.80 -3.61 21.84
C LEU B 382 8.36 -2.56 22.87
N PRO B 383 9.23 -2.29 23.86
CA PRO B 383 9.04 -1.13 24.74
C PRO B 383 9.34 0.10 23.92
N ASP B 384 8.90 1.28 24.37
CA ASP B 384 9.28 2.51 23.69
C ASP B 384 10.78 2.69 23.78
N GLY B 385 11.41 3.08 22.68
CA GLY B 385 12.85 3.20 22.64
C GLY B 385 13.38 3.12 21.21
N PRO B 386 14.72 3.10 21.03
CA PRO B 386 15.32 2.98 19.69
C PRO B 386 14.71 1.90 18.79
N SER B 387 14.53 0.68 19.29
CA SER B 387 14.01 -0.43 18.50
C SER B 387 12.62 -0.14 17.95
N GLN B 388 11.80 0.42 18.83
CA GLN B 388 10.41 0.72 18.53
C GLN B 388 10.38 1.84 17.49
N GLN B 389 11.27 2.82 17.65
CA GLN B 389 11.37 3.91 16.70
C GLN B 389 11.81 3.38 15.33
N ALA B 390 12.77 2.46 15.32
CA ALA B 390 13.27 1.89 14.08
C ALA B 390 12.19 1.03 13.44
N ARG B 391 11.46 0.26 14.25
CA ARG B 391 10.35 -0.55 13.73
C ARG B 391 9.32 0.32 13.02
N ASP B 392 8.93 1.39 13.68
CA ASP B 392 7.94 2.31 13.15
C ASP B 392 8.41 2.91 11.82
N ASP B 393 9.66 3.35 11.74
CA ASP B 393 10.29 3.77 10.49
C ASP B 393 10.24 2.69 9.40
N ASN B 394 10.61 1.45 9.73
CA ASN B 394 10.57 0.38 8.74
C ASN B 394 9.15 0.15 8.24
N MET B 395 8.18 0.28 9.15
CA MET B 395 6.80 -0.04 8.82
C MET B 395 6.18 1.06 7.96
N ARG B 396 6.57 2.31 8.20
CA ARG B 396 6.04 3.41 7.42
C ARG B 396 6.47 3.28 5.96
N LYS B 397 7.76 3.00 5.75
CA LYS B 397 8.35 2.96 4.42
C LYS B 397 8.17 1.59 3.78
N ALA B 398 7.56 0.62 4.48
CA ALA B 398 7.39 -0.73 3.98
C ALA B 398 8.73 -1.28 3.48
N ALA B 399 9.67 -1.40 4.45
CA ALA B 399 10.97 -2.03 4.27
C ALA B 399 10.82 -3.41 3.67
N GLN B 400 11.71 -3.73 2.73
CA GLN B 400 11.69 -5.03 2.04
C GLN B 400 12.75 -5.96 2.64
N GLY B 426 14.84 -8.20 10.59
CA GLY B 426 13.38 -8.14 10.36
C GLY B 426 12.84 -6.78 10.79
N ASN B 427 12.40 -6.72 12.05
CA ASN B 427 11.84 -5.54 12.73
C ASN B 427 10.89 -4.69 11.85
N SER B 428 9.87 -5.32 11.24
CA SER B 428 9.01 -4.64 10.30
C SER B 428 7.71 -5.40 10.07
N ASN B 429 6.99 -4.97 9.01
CA ASN B 429 5.70 -5.48 8.61
C ASN B 429 5.85 -6.56 7.55
N GLN B 430 5.84 -7.83 7.98
CA GLN B 430 6.11 -8.94 7.08
C GLN B 430 5.17 -8.89 5.88
N TRP B 431 3.92 -8.47 6.10
CA TRP B 431 2.87 -8.57 5.08
C TRP B 431 3.01 -7.47 4.02
N ALA B 432 3.88 -6.48 4.26
CA ALA B 432 4.21 -5.46 3.25
C ALA B 432 5.47 -5.84 2.45
N ASP B 433 6.06 -7.00 2.76
CA ASP B 433 7.29 -7.46 2.10
C ASP B 433 6.91 -8.41 0.97
N HIS B 434 7.28 -8.02 -0.27
CA HIS B 434 6.89 -8.73 -1.49
C HIS B 434 7.43 -10.15 -1.49
N GLN B 435 8.68 -10.32 -1.07
CA GLN B 435 9.36 -11.61 -1.10
C GLN B 435 8.69 -12.54 -0.09
N LYS B 436 8.44 -12.04 1.12
CA LYS B 436 7.84 -12.83 2.18
C LYS B 436 6.42 -13.22 1.77
N ASN B 437 5.72 -12.28 1.10
CA ASN B 437 4.38 -12.53 0.60
C ASN B 437 4.40 -13.62 -0.47
N GLN B 438 5.33 -13.52 -1.43
CA GLN B 438 5.43 -14.53 -2.47
C GLN B 438 5.68 -15.91 -1.85
N GLU B 439 6.64 -15.98 -0.93
CA GLU B 439 6.99 -17.21 -0.23
C GLU B 439 5.82 -17.78 0.56
N GLN B 440 5.11 -16.96 1.35
CA GLN B 440 4.08 -17.49 2.22
C GLN B 440 2.77 -17.72 1.46
N PHE B 441 2.35 -16.72 0.68
CA PHE B 441 0.99 -16.67 0.15
C PHE B 441 0.95 -17.14 -1.31
N GLY B 442 2.10 -17.11 -2.00
CA GLY B 442 2.18 -17.57 -3.36
C GLY B 442 2.36 -19.09 -3.44
N TYR B 443 2.59 -19.73 -2.26
CA TYR B 443 2.77 -21.17 -2.16
C TYR B 443 1.46 -21.91 -2.41
N ASP B 444 1.55 -22.98 -3.20
CA ASP B 444 0.46 -23.88 -3.54
C ASP B 444 0.85 -25.28 -3.08
N ALA B 445 0.22 -25.76 -2.00
CA ALA B 445 0.60 -27.01 -1.35
C ALA B 445 0.53 -28.19 -2.32
N GLU B 446 -0.51 -28.23 -3.14
CA GLU B 446 -0.73 -29.34 -4.07
C GLU B 446 0.30 -29.30 -5.18
N ALA B 447 0.56 -28.12 -5.75
CA ALA B 447 1.59 -27.96 -6.76
C ALA B 447 2.99 -28.37 -6.25
N ALA B 448 3.35 -27.97 -5.02
CA ALA B 448 4.65 -28.29 -4.44
C ALA B 448 4.85 -29.82 -4.38
N ALA B 449 3.82 -30.53 -3.94
CA ALA B 449 3.87 -31.98 -3.78
C ALA B 449 3.89 -32.68 -5.14
N GLU B 450 3.19 -32.13 -6.14
CA GLU B 450 3.20 -32.74 -7.47
C GLU B 450 4.55 -32.53 -8.15
N GLN B 451 5.13 -31.32 -7.97
CA GLN B 451 6.46 -30.99 -8.43
C GLN B 451 7.44 -32.03 -7.86
N TRP B 452 7.26 -32.31 -6.56
CA TRP B 452 8.11 -33.23 -5.83
C TRP B 452 7.95 -34.65 -6.38
N TRP B 453 6.71 -35.07 -6.59
CA TRP B 453 6.41 -36.35 -7.21
C TRP B 453 7.13 -36.49 -8.56
N ARG B 454 6.92 -35.50 -9.44
CA ARG B 454 7.55 -35.51 -10.74
C ARG B 454 9.08 -35.59 -10.62
N ASP B 455 9.66 -34.77 -9.76
CA ASP B 455 11.10 -34.61 -9.76
C ASP B 455 11.79 -35.79 -9.06
N VAL B 456 11.15 -36.39 -8.06
CA VAL B 456 11.85 -37.20 -7.06
C VAL B 456 10.97 -38.41 -6.71
N GLY B 457 9.72 -38.12 -6.29
CA GLY B 457 8.84 -39.12 -5.71
C GLY B 457 8.60 -40.31 -6.63
N GLU B 458 8.38 -40.06 -7.93
CA GLU B 458 8.04 -41.17 -8.82
C GLU B 458 9.11 -42.25 -8.75
N SER B 459 10.39 -41.85 -8.88
CA SER B 459 11.47 -42.82 -8.98
C SER B 459 11.87 -43.33 -7.59
N ARG B 460 11.75 -42.47 -6.56
CA ARG B 460 12.19 -42.80 -5.22
C ARG B 460 11.17 -43.68 -4.48
N ILE B 461 9.89 -43.33 -4.57
CA ILE B 461 8.86 -44.16 -3.98
C ILE B 461 8.45 -45.28 -4.94
N GLY B 462 8.72 -45.13 -6.25
CA GLY B 462 8.62 -46.23 -7.20
C GLY B 462 9.47 -47.46 -6.84
N SER B 463 10.55 -47.24 -6.09
CA SER B 463 11.49 -48.27 -5.70
C SER B 463 11.12 -48.92 -4.35
N TYR B 464 9.81 -49.01 -4.08
CA TYR B 464 9.22 -49.79 -3.00
C TYR B 464 7.96 -50.42 -3.60
#